data_5SOF
#
_entry.id   5SOF
#
_cell.length_a   138.060
_cell.length_b   65.551
_cell.length_c   84.243
_cell.angle_alpha   90.000
_cell.angle_beta   93.420
_cell.angle_gamma   90.000
#
_symmetry.space_group_name_H-M   'C 1 2 1'
#
loop_
_entity.id
_entity.type
_entity.pdbx_description
1 polymer '3-oxoacyl-[acyl-carrier-protein] synthase 2'
2 non-polymer N-(1-ethyl-1H-pyrazol-4-yl)cyclobutanecarboxamide
3 non-polymer 'DIMETHYL SULFOXIDE'
4 non-polymer 'PHOSPHATE ION'
5 water water
#
_entity_poly.entity_id   1
_entity_poly.type   'polypeptide(L)'
_entity_poly.pdbx_seq_one_letter_code
;MSRRRVVITGMGMLSPLGLDVPSSWEGILAGRSGIAPIEHMDLSAYSTRFGGSVKGFNVEEYLSAKEARKLDLFIQYGLA
ASFQAVRDSGLEVTDANRERIGVSMGSGIGGLTNIENNCRSLFEQGPRRISPFFVPGSIINMVSGFLSIHLGLQGPNYAL
TTAQTTGTHSIGMAARNIAYGEADVMVAGGSEMAACGLGLGGFGAARALSTRNDEPTRASRPWDRDRDGFVLSDGSGALV
LEELEHARARGARIYAELVGFGMSGDAFHMTAPPEDGAGAARCMKNALRDAGLDPRQVDYINAHGTSTPAGDIAEIAAVK
SVFGEHAHALSMSSTKSMTGHLLGAAGAVEAIFSVLALRDQVAPPTINLDNPDEGCDLDLVAHEAKPRKIDVALSNSFGF
GGTNGTLVFRRFAD
;
_entity_poly.pdbx_strand_id   A,B
#
loop_
_chem_comp.id
_chem_comp.type
_chem_comp.name
_chem_comp.formula
DMS non-polymer 'DIMETHYL SULFOXIDE' 'C2 H6 O S'
NUA non-polymer N-(1-ethyl-1H-pyrazol-4-yl)cyclobutanecarboxamide 'C10 H15 N3 O'
PO4 non-polymer 'PHOSPHATE ION' 'O4 P -3'
#
# COMPACT_ATOMS: atom_id res chain seq x y z
N SER A 2 -11.20 16.53 -17.50
CA SER A 2 -12.45 15.69 -17.38
C SER A 2 -12.12 14.21 -17.59
N ARG A 3 -12.97 13.30 -17.07
CA ARG A 3 -12.62 11.88 -16.84
C ARG A 3 -12.41 11.12 -18.17
N ARG A 4 -11.21 10.57 -18.38
CA ARG A 4 -10.88 9.82 -19.63
C ARG A 4 -11.20 8.34 -19.49
N ARG A 5 -11.31 7.64 -20.63
CA ARG A 5 -11.65 6.21 -20.70
C ARG A 5 -10.36 5.38 -20.59
N VAL A 6 -10.46 4.18 -20.01
CA VAL A 6 -9.27 3.36 -19.69
C VAL A 6 -9.47 1.96 -20.28
N VAL A 7 -8.47 1.52 -21.05
CA VAL A 7 -8.54 0.17 -21.68
C VAL A 7 -7.35 -0.67 -21.24
N ILE A 8 -7.49 -1.96 -21.43
CA ILE A 8 -6.45 -2.94 -21.07
C ILE A 8 -5.73 -3.34 -22.38
N THR A 9 -4.42 -3.11 -22.45
CA THR A 9 -3.63 -3.33 -23.68
C THR A 9 -2.56 -4.42 -23.48
N GLY A 10 -2.35 -4.92 -22.27
CA GLY A 10 -1.27 -5.87 -21.99
C GLY A 10 -1.55 -6.59 -20.69
N MET A 11 -1.26 -7.89 -20.62
CA MET A 11 -1.51 -8.65 -19.38
C MET A 11 -0.37 -9.64 -19.18
N GLY A 12 -0.08 -9.96 -17.92
CA GLY A 12 1.04 -10.82 -17.55
C GLY A 12 0.71 -11.57 -16.28
N MET A 13 1.22 -12.79 -16.13
CA MET A 13 0.78 -13.65 -15.00
C MET A 13 1.82 -14.73 -14.70
N LEU A 14 2.00 -15.01 -13.41
CA LEU A 14 2.46 -16.30 -12.87
C LEU A 14 1.35 -16.84 -11.96
N SER A 15 0.98 -18.09 -12.14
CA SER A 15 -0.10 -18.68 -11.32
C SER A 15 0.27 -20.13 -11.03
N PRO A 16 -0.48 -20.79 -10.13
CA PRO A 16 -0.32 -22.25 -9.95
C PRO A 16 -0.69 -23.09 -11.18
N LEU A 17 -1.24 -22.48 -12.23
CA LEU A 17 -1.67 -23.20 -13.45
C LEU A 17 -0.73 -22.92 -14.63
N GLY A 18 0.20 -21.98 -14.51
CA GLY A 18 1.08 -21.63 -15.62
C GLY A 18 2.03 -20.49 -15.38
N LEU A 19 3.07 -20.39 -16.22
CA LEU A 19 4.13 -19.35 -16.08
C LEU A 19 3.81 -18.15 -16.99
N ASP A 20 2.62 -18.09 -17.55
CA ASP A 20 2.14 -16.91 -18.32
C ASP A 20 0.62 -16.93 -18.39
N VAL A 21 0.06 -15.94 -19.07
CA VAL A 21 -1.41 -15.84 -19.18
C VAL A 21 -1.97 -17.00 -19.98
N PRO A 22 -1.55 -17.26 -21.25
CA PRO A 22 -2.23 -18.28 -22.04
C PRO A 22 -2.23 -19.68 -21.41
N SER A 23 -1.11 -20.06 -20.81
CA SER A 23 -0.95 -21.37 -20.16
C SER A 23 -1.90 -21.43 -18.95
N SER A 24 -1.99 -20.35 -18.20
CA SER A 24 -2.90 -20.31 -17.01
C SER A 24 -4.34 -20.44 -17.47
N TRP A 25 -4.72 -19.66 -18.49
CA TRP A 25 -6.10 -19.58 -19.00
C TRP A 25 -6.55 -20.94 -19.56
N GLU A 26 -5.67 -21.64 -20.30
N GLU A 26 -5.65 -21.62 -20.31
CA GLU A 26 -5.97 -23.00 -20.81
CA GLU A 26 -5.85 -23.01 -20.81
C GLU A 26 -6.27 -23.93 -19.62
C GLU A 26 -6.26 -23.90 -19.63
N GLY A 27 -5.51 -23.82 -18.52
CA GLY A 27 -5.79 -24.59 -17.30
C GLY A 27 -7.15 -24.23 -16.72
N ILE A 28 -7.47 -22.94 -16.68
CA ILE A 28 -8.78 -22.45 -16.17
C ILE A 28 -9.92 -23.06 -17.00
N LEU A 29 -9.83 -22.98 -18.32
CA LEU A 29 -10.97 -23.42 -19.17
C LEU A 29 -11.09 -24.94 -19.14
N ALA A 30 -10.02 -25.66 -18.80
CA ALA A 30 -10.00 -27.15 -18.76
C ALA A 30 -10.37 -27.67 -17.36
N GLY A 31 -10.61 -26.80 -16.38
CA GLY A 31 -11.01 -27.23 -15.03
C GLY A 31 -9.84 -27.82 -14.25
N ARG A 32 -8.60 -27.49 -14.62
CA ARG A 32 -7.42 -28.11 -14.01
C ARG A 32 -7.13 -27.44 -12.66
N SER A 33 -6.76 -28.21 -11.64
CA SER A 33 -6.29 -27.71 -10.31
C SER A 33 -4.77 -27.46 -10.35
N GLY A 34 -4.35 -26.31 -9.80
CA GLY A 34 -2.94 -26.00 -9.55
C GLY A 34 -2.50 -26.34 -8.15
N ILE A 35 -3.27 -27.08 -7.37
CA ILE A 35 -3.02 -27.28 -5.92
C ILE A 35 -2.37 -28.66 -5.72
N ALA A 36 -1.36 -28.70 -4.90
CA ALA A 36 -0.53 -29.92 -4.67
C ALA A 36 0.22 -29.74 -3.36
N PRO A 37 0.67 -30.87 -2.75
CA PRO A 37 1.53 -30.78 -1.57
C PRO A 37 2.72 -29.87 -1.87
N ILE A 38 3.07 -29.07 -0.89
CA ILE A 38 4.17 -28.11 -1.01
C ILE A 38 5.48 -28.89 -0.87
N GLU A 39 6.42 -28.63 -1.77
CA GLU A 39 7.71 -29.37 -1.84
C GLU A 39 8.85 -28.54 -1.26
N HIS A 40 8.74 -27.22 -1.20
CA HIS A 40 9.91 -26.32 -0.94
C HIS A 40 10.30 -26.31 0.53
N MET A 41 9.49 -26.85 1.44
CA MET A 41 9.81 -26.88 2.87
C MET A 41 9.11 -28.05 3.54
N ASP A 42 9.59 -28.45 4.72
CA ASP A 42 9.05 -29.57 5.53
C ASP A 42 7.86 -29.08 6.36
N LEU A 43 6.64 -29.50 6.01
CA LEU A 43 5.40 -29.05 6.70
C LEU A 43 4.79 -30.17 7.56
N SER A 44 5.57 -31.15 8.01
CA SER A 44 4.99 -32.26 8.81
C SER A 44 4.34 -31.73 10.09
N ALA A 45 4.84 -30.65 10.71
CA ALA A 45 4.29 -30.15 11.99
C ALA A 45 3.10 -29.19 11.75
N TYR A 46 2.77 -28.90 10.49
CA TYR A 46 1.69 -27.94 10.11
C TYR A 46 0.38 -28.69 9.87
N SER A 47 -0.75 -28.03 10.10
CA SER A 47 -2.09 -28.61 9.90
C SER A 47 -2.50 -28.55 8.41
N THR A 48 -1.82 -27.73 7.60
CA THR A 48 -2.02 -27.62 6.13
C THR A 48 -0.67 -27.77 5.45
N ARG A 49 -0.55 -28.68 4.48
CA ARG A 49 0.77 -29.04 3.90
C ARG A 49 0.75 -28.93 2.38
N PHE A 50 -0.22 -28.20 1.82
CA PHE A 50 -0.44 -28.06 0.37
C PHE A 50 -0.87 -26.61 0.09
N GLY A 51 -0.79 -26.24 -1.17
CA GLY A 51 -1.14 -24.90 -1.64
C GLY A 51 -0.92 -24.81 -3.14
N GLY A 52 -1.12 -23.62 -3.69
CA GLY A 52 -0.89 -23.41 -5.13
C GLY A 52 0.45 -22.78 -5.35
N SER A 53 1.45 -23.59 -5.65
CA SER A 53 2.84 -23.12 -5.91
C SER A 53 2.97 -22.75 -7.38
N VAL A 54 3.85 -21.83 -7.69
CA VAL A 54 4.28 -21.56 -9.08
C VAL A 54 5.29 -22.67 -9.39
N LYS A 55 5.08 -23.44 -10.44
CA LYS A 55 5.92 -24.62 -10.76
C LYS A 55 6.89 -24.21 -11.86
N GLY A 56 8.18 -24.30 -11.56
CA GLY A 56 9.24 -24.21 -12.57
C GLY A 56 9.48 -22.78 -13.02
N PHE A 57 9.22 -21.81 -12.16
CA PHE A 57 9.57 -20.39 -12.40
C PHE A 57 11.07 -20.26 -12.65
N ASN A 58 11.38 -19.67 -13.79
CA ASN A 58 12.76 -19.36 -14.22
C ASN A 58 12.99 -17.85 -14.12
N VAL A 59 13.55 -17.39 -13.02
CA VAL A 59 13.83 -15.93 -12.84
C VAL A 59 14.84 -15.43 -13.89
N GLU A 60 15.67 -16.30 -14.45
CA GLU A 60 16.66 -15.88 -15.48
C GLU A 60 16.03 -15.65 -16.87
N GLU A 61 14.72 -15.87 -17.04
CA GLU A 61 13.94 -15.40 -18.23
C GLU A 61 13.74 -13.89 -18.09
N TYR A 62 13.84 -13.33 -16.88
CA TYR A 62 13.45 -11.94 -16.58
C TYR A 62 14.59 -11.07 -16.05
N LEU A 63 15.46 -11.61 -15.21
CA LEU A 63 16.37 -10.79 -14.39
C LEU A 63 17.75 -11.43 -14.45
N SER A 64 18.80 -10.63 -14.46
CA SER A 64 20.18 -11.11 -14.21
C SER A 64 20.24 -11.84 -12.86
N ALA A 65 21.07 -12.88 -12.75
CA ALA A 65 21.26 -13.60 -11.48
C ALA A 65 21.66 -12.59 -10.40
N LYS A 66 22.35 -11.51 -10.80
CA LYS A 66 22.87 -10.48 -9.85
C LYS A 66 21.72 -9.70 -9.20
N GLU A 67 20.72 -9.30 -9.98
CA GLU A 67 19.52 -8.58 -9.48
C GLU A 67 18.64 -9.57 -8.71
N ALA A 68 18.36 -10.73 -9.29
CA ALA A 68 17.41 -11.73 -8.73
C ALA A 68 17.71 -12.11 -7.28
N ARG A 69 18.99 -12.33 -6.95
N ARG A 69 18.99 -12.33 -6.93
CA ARG A 69 19.46 -12.80 -5.63
CA ARG A 69 19.38 -12.84 -5.59
C ARG A 69 19.10 -11.78 -4.54
C ARG A 69 19.13 -11.77 -4.52
N LYS A 70 18.94 -10.50 -4.90
CA LYS A 70 18.61 -9.41 -3.94
C LYS A 70 17.12 -9.45 -3.54
N LEU A 71 16.27 -10.17 -4.29
CA LEU A 71 14.79 -9.89 -4.23
C LEU A 71 14.01 -11.07 -3.66
N ASP A 72 13.08 -10.81 -2.75
CA ASP A 72 12.11 -11.86 -2.34
C ASP A 72 11.40 -12.41 -3.56
N LEU A 73 10.99 -13.68 -3.49
CA LEU A 73 10.14 -14.27 -4.52
C LEU A 73 8.94 -13.39 -4.87
N PHE A 74 8.27 -12.76 -3.90
CA PHE A 74 7.05 -11.99 -4.29
C PHE A 74 7.44 -10.87 -5.27
N ILE A 75 8.66 -10.31 -5.10
CA ILE A 75 9.13 -9.23 -6.00
C ILE A 75 9.48 -9.87 -7.33
N GLN A 76 10.22 -10.98 -7.35
CA GLN A 76 10.51 -11.66 -8.62
C GLN A 76 9.22 -11.97 -9.38
N TYR A 77 8.18 -12.46 -8.69
CA TYR A 77 6.93 -12.84 -9.38
C TYR A 77 6.26 -11.57 -9.95
N GLY A 78 6.22 -10.51 -9.16
CA GLY A 78 5.59 -9.25 -9.61
C GLY A 78 6.33 -8.64 -10.80
N LEU A 79 7.66 -8.73 -10.79
CA LEU A 79 8.46 -8.25 -11.95
C LEU A 79 8.18 -9.11 -13.17
N ALA A 80 8.07 -10.44 -13.04
CA ALA A 80 7.82 -11.37 -14.16
C ALA A 80 6.48 -10.98 -14.80
N ALA A 81 5.43 -10.84 -14.00
CA ALA A 81 4.11 -10.48 -14.54
C ALA A 81 4.15 -9.09 -15.20
N SER A 82 4.79 -8.11 -14.56
CA SER A 82 4.90 -6.72 -15.08
C SER A 82 5.61 -6.73 -16.44
N PHE A 83 6.76 -7.40 -16.48
CA PHE A 83 7.53 -7.47 -17.75
C PHE A 83 6.67 -8.10 -18.85
N GLN A 84 6.01 -9.22 -18.57
CA GLN A 84 5.11 -9.90 -19.52
C GLN A 84 4.08 -8.87 -20.02
N ALA A 85 3.42 -8.20 -19.10
CA ALA A 85 2.31 -7.27 -19.46
C ALA A 85 2.86 -6.17 -20.37
N VAL A 86 4.00 -5.59 -20.04
CA VAL A 86 4.56 -4.46 -20.83
C VAL A 86 4.91 -4.97 -22.25
N ARG A 87 5.51 -6.16 -22.35
CA ARG A 87 5.86 -6.75 -23.67
C ARG A 87 4.56 -7.00 -24.45
N ASP A 88 3.56 -7.62 -23.82
CA ASP A 88 2.26 -7.94 -24.43
C ASP A 88 1.60 -6.66 -24.98
N SER A 89 1.82 -5.52 -24.33
CA SER A 89 1.14 -4.25 -24.69
C SER A 89 1.72 -3.67 -26.00
N GLY A 90 2.95 -4.03 -26.33
CA GLY A 90 3.68 -3.42 -27.48
C GLY A 90 4.09 -1.98 -27.23
N LEU A 91 3.88 -1.44 -26.02
CA LEU A 91 4.22 -0.03 -25.73
C LEU A 91 5.75 0.16 -25.78
N GLU A 92 6.21 1.24 -26.44
CA GLU A 92 7.63 1.67 -26.44
C GLU A 92 7.80 2.83 -25.49
N VAL A 93 8.68 2.69 -24.51
CA VAL A 93 9.01 3.75 -23.52
C VAL A 93 10.05 4.70 -24.13
N THR A 94 9.78 6.00 -24.09
CA THR A 94 10.66 7.03 -24.70
C THR A 94 10.79 8.23 -23.77
N ASP A 95 11.73 9.11 -24.08
CA ASP A 95 11.83 10.39 -23.36
C ASP A 95 10.49 11.14 -23.45
N ALA A 96 9.76 11.01 -24.55
CA ALA A 96 8.52 11.77 -24.79
C ALA A 96 7.38 11.26 -23.89
N ASN A 97 7.39 9.99 -23.47
CA ASN A 97 6.21 9.44 -22.74
C ASN A 97 6.60 8.87 -21.36
N ARG A 98 7.87 8.82 -20.97
CA ARG A 98 8.28 8.12 -19.73
C ARG A 98 7.68 8.80 -18.50
N GLU A 99 7.46 10.11 -18.52
CA GLU A 99 6.90 10.78 -17.32
C GLU A 99 5.40 10.50 -17.19
N ARG A 100 4.79 9.89 -18.20
CA ARG A 100 3.32 9.66 -18.25
C ARG A 100 3.02 8.17 -18.02
N ILE A 101 4.05 7.38 -17.70
CA ILE A 101 3.85 5.92 -17.49
C ILE A 101 4.27 5.60 -16.06
N GLY A 102 3.34 5.04 -15.25
CA GLY A 102 3.62 4.72 -13.85
C GLY A 102 3.36 3.27 -13.54
N VAL A 103 3.44 2.93 -12.26
CA VAL A 103 3.27 1.52 -11.81
C VAL A 103 2.65 1.52 -10.42
N SER A 104 1.77 0.57 -10.20
CA SER A 104 1.13 0.30 -8.89
C SER A 104 0.94 -1.20 -8.79
N MET A 105 2.01 -1.86 -8.37
CA MET A 105 1.99 -3.31 -8.07
C MET A 105 2.05 -3.48 -6.57
N GLY A 106 1.07 -4.20 -6.02
CA GLY A 106 0.96 -4.34 -4.57
C GLY A 106 1.17 -5.76 -4.07
N SER A 107 1.08 -5.93 -2.77
CA SER A 107 1.11 -7.26 -2.12
C SER A 107 0.35 -7.19 -0.82
N GLY A 108 -0.27 -8.28 -0.40
CA GLY A 108 -0.99 -8.34 0.87
C GLY A 108 -0.03 -8.53 2.02
N ILE A 109 0.95 -9.41 1.87
CA ILE A 109 1.90 -9.77 2.97
C ILE A 109 3.35 -9.39 2.60
N GLY A 110 3.71 -9.34 1.32
CA GLY A 110 5.09 -8.99 0.93
C GLY A 110 6.11 -10.05 1.35
N GLY A 111 7.27 -9.62 1.82
CA GLY A 111 8.46 -10.48 1.72
C GLY A 111 8.63 -11.36 2.94
N LEU A 112 7.61 -12.16 3.25
CA LEU A 112 7.57 -12.89 4.55
C LEU A 112 8.67 -13.96 4.56
N THR A 113 8.93 -14.67 3.44
CA THR A 113 10.03 -15.66 3.29
C THR A 113 11.38 -15.01 3.60
N ASN A 114 11.68 -13.92 2.90
CA ASN A 114 12.93 -13.17 3.14
C ASN A 114 12.99 -12.76 4.61
N ILE A 115 11.89 -12.28 5.18
CA ILE A 115 11.96 -11.71 6.55
C ILE A 115 12.18 -12.87 7.53
N GLU A 116 11.52 -14.00 7.29
CA GLU A 116 11.67 -15.22 8.12
C GLU A 116 13.14 -15.64 8.10
N ASN A 117 13.73 -15.78 6.91
CA ASN A 117 15.10 -16.31 6.72
C ASN A 117 16.12 -15.39 7.39
N ASN A 118 15.89 -14.08 7.34
CA ASN A 118 16.79 -13.07 7.95
C ASN A 118 16.57 -13.07 9.47
N CYS A 119 15.34 -13.32 9.94
CA CYS A 119 15.05 -13.50 11.38
C CYS A 119 15.81 -14.73 11.91
N ARG A 120 15.88 -15.80 11.13
CA ARG A 120 16.63 -17.03 11.50
C ARG A 120 18.12 -16.69 11.65
N SER A 121 18.72 -16.04 10.65
CA SER A 121 20.13 -15.52 10.69
C SER A 121 20.34 -14.65 11.92
N LEU A 122 19.45 -13.67 12.15
CA LEU A 122 19.58 -12.75 13.30
C LEU A 122 19.70 -13.53 14.60
N PHE A 123 18.75 -14.42 14.86
CA PHE A 123 18.59 -15.10 16.17
C PHE A 123 19.74 -16.10 16.39
N GLU A 124 20.17 -16.77 15.33
CA GLU A 124 21.19 -17.86 15.42
C GLU A 124 22.59 -17.26 15.33
N GLN A 125 22.81 -16.22 14.49
CA GLN A 125 24.17 -15.79 14.07
C GLN A 125 24.46 -14.31 14.33
N GLY A 126 23.45 -13.51 14.67
CA GLY A 126 23.65 -12.09 14.99
C GLY A 126 23.32 -11.20 13.80
N PRO A 127 23.24 -9.88 14.08
CA PRO A 127 22.79 -8.90 13.10
C PRO A 127 23.70 -8.75 11.89
N ARG A 128 25.01 -9.10 12.02
CA ARG A 128 25.99 -8.94 10.92
C ARG A 128 25.74 -9.97 9.82
N ARG A 129 24.84 -10.95 10.04
CA ARG A 129 24.46 -11.93 8.99
C ARG A 129 23.14 -11.54 8.32
N ILE A 130 22.52 -10.43 8.70
CA ILE A 130 21.32 -9.94 7.94
C ILE A 130 21.84 -9.42 6.60
N SER A 131 21.18 -9.75 5.49
CA SER A 131 21.49 -9.30 4.12
C SER A 131 21.48 -7.78 4.04
N PRO A 132 22.47 -7.18 3.35
CA PRO A 132 22.43 -5.76 2.99
C PRO A 132 21.20 -5.39 2.14
N PHE A 133 20.64 -6.36 1.43
CA PHE A 133 19.47 -6.16 0.55
C PHE A 133 18.17 -6.48 1.29
N PHE A 134 18.24 -6.77 2.59
CA PHE A 134 17.07 -7.15 3.44
C PHE A 134 15.91 -6.18 3.21
N VAL A 135 16.13 -4.88 3.40
CA VAL A 135 15.02 -3.90 3.32
C VAL A 135 14.53 -3.73 1.89
N PRO A 136 15.37 -3.26 0.92
CA PRO A 136 14.91 -3.12 -0.46
C PRO A 136 14.45 -4.41 -1.12
N GLY A 137 14.92 -5.56 -0.65
CA GLY A 137 14.54 -6.85 -1.25
C GLY A 137 13.29 -7.46 -0.63
N SER A 138 12.68 -6.82 0.35
CA SER A 138 11.53 -7.38 1.10
C SER A 138 10.33 -6.43 1.07
N ILE A 139 10.55 -5.12 0.95
CA ILE A 139 9.40 -4.20 1.22
C ILE A 139 8.55 -4.11 -0.03
N ILE A 140 7.26 -3.87 0.17
CA ILE A 140 6.23 -4.17 -0.84
C ILE A 140 6.37 -3.28 -2.08
N ASN A 141 6.83 -2.05 -1.89
CA ASN A 141 6.86 -1.05 -3.00
C ASN A 141 7.98 -1.37 -3.99
N MET A 142 8.74 -2.45 -3.80
CA MET A 142 9.94 -2.63 -4.65
C MET A 142 9.61 -3.34 -5.97
N VAL A 143 8.39 -3.88 -6.20
CA VAL A 143 7.97 -4.28 -7.57
C VAL A 143 7.88 -2.98 -8.39
N SER A 144 7.09 -2.03 -7.89
CA SER A 144 6.96 -0.70 -8.56
C SER A 144 8.32 -0.04 -8.73
N GLY A 145 9.15 -0.07 -7.71
CA GLY A 145 10.46 0.57 -7.75
C GLY A 145 11.35 -0.06 -8.82
N PHE A 146 11.57 -1.37 -8.71
CA PHE A 146 12.47 -2.10 -9.64
C PHE A 146 11.94 -1.99 -11.07
N LEU A 147 10.63 -2.17 -11.26
CA LEU A 147 10.06 -2.08 -12.61
C LEU A 147 10.37 -0.69 -13.19
N SER A 148 10.19 0.36 -12.39
N SER A 148 10.16 0.35 -12.40
CA SER A 148 10.41 1.77 -12.84
CA SER A 148 10.41 1.77 -12.79
C SER A 148 11.89 1.95 -13.22
C SER A 148 11.88 1.93 -13.21
N ILE A 149 12.80 1.41 -12.41
CA ILE A 149 14.27 1.55 -12.66
C ILE A 149 14.63 0.85 -13.97
N HIS A 150 14.12 -0.34 -14.21
CA HIS A 150 14.59 -1.18 -15.35
C HIS A 150 13.85 -0.85 -16.65
N LEU A 151 12.66 -0.23 -16.59
CA LEU A 151 11.96 0.23 -17.82
C LEU A 151 12.06 1.76 -18.00
N GLY A 152 12.48 2.51 -16.98
CA GLY A 152 12.57 3.98 -17.03
C GLY A 152 11.21 4.65 -16.92
N LEU A 153 10.31 4.12 -16.06
CA LEU A 153 8.97 4.71 -15.85
C LEU A 153 9.06 5.80 -14.76
N GLN A 154 8.68 7.04 -15.10
CA GLN A 154 8.84 8.19 -14.20
C GLN A 154 7.50 8.75 -13.76
N GLY A 155 6.40 8.16 -14.23
CA GLY A 155 5.03 8.43 -13.74
C GLY A 155 4.83 8.04 -12.27
N PRO A 156 3.56 8.18 -11.79
CA PRO A 156 3.21 7.83 -10.42
C PRO A 156 3.74 6.42 -10.11
N ASN A 157 4.41 6.34 -8.99
CA ASN A 157 5.09 5.10 -8.55
C ASN A 157 4.65 4.85 -7.12
N TYR A 158 3.82 3.85 -6.92
CA TYR A 158 3.32 3.53 -5.56
C TYR A 158 2.91 2.06 -5.48
N ALA A 159 2.46 1.70 -4.31
CA ALA A 159 2.03 0.31 -4.03
C ALA A 159 0.94 0.35 -2.97
N LEU A 160 -0.06 -0.47 -3.16
CA LEU A 160 -1.17 -0.70 -2.21
C LEU A 160 -0.89 -1.97 -1.42
N THR A 161 -1.40 -2.01 -0.21
CA THR A 161 -1.42 -3.25 0.60
C THR A 161 -2.77 -3.27 1.31
N THR A 162 -3.72 -4.02 0.76
CA THR A 162 -5.11 -4.12 1.31
C THR A 162 -5.44 -5.59 1.39
N ALA A 163 -4.52 -6.37 1.93
CA ALA A 163 -4.73 -7.81 2.18
C ALA A 163 -5.27 -8.48 0.91
N GLN A 164 -6.37 -9.24 0.97
CA GLN A 164 -6.86 -10.04 -0.16
C GLN A 164 -7.55 -9.19 -1.23
N THR A 165 -7.63 -7.88 -1.01
CA THR A 165 -8.26 -6.92 -1.94
C THR A 165 -7.18 -6.19 -2.78
N THR A 166 -5.91 -6.39 -2.46
CA THR A 166 -4.81 -5.57 -3.00
C THR A 166 -4.85 -5.49 -4.53
N GLY A 167 -4.95 -6.62 -5.24
CA GLY A 167 -4.81 -6.59 -6.71
C GLY A 167 -5.92 -5.78 -7.33
N THR A 168 -7.12 -5.90 -6.80
CA THR A 168 -8.32 -5.22 -7.32
C THR A 168 -8.20 -3.71 -7.07
N HIS A 169 -7.89 -3.31 -5.86
CA HIS A 169 -7.63 -1.90 -5.51
C HIS A 169 -6.51 -1.33 -6.38
N SER A 170 -5.42 -2.10 -6.54
CA SER A 170 -4.26 -1.60 -7.32
C SER A 170 -4.71 -1.24 -8.73
N ILE A 171 -5.45 -2.12 -9.38
CA ILE A 171 -5.90 -1.91 -10.77
C ILE A 171 -6.90 -0.74 -10.79
N GLY A 172 -7.87 -0.74 -9.89
CA GLY A 172 -8.85 0.37 -9.85
C GLY A 172 -8.24 1.74 -9.70
N MET A 173 -7.36 1.92 -8.71
N MET A 173 -7.33 1.91 -8.75
CA MET A 173 -6.74 3.22 -8.40
CA MET A 173 -6.75 3.24 -8.43
C MET A 173 -5.83 3.62 -9.56
C MET A 173 -5.72 3.65 -9.48
N ALA A 174 -5.09 2.68 -10.15
CA ALA A 174 -4.25 2.95 -11.35
C ALA A 174 -5.18 3.43 -12.46
N ALA A 175 -6.35 2.83 -12.69
CA ALA A 175 -7.32 3.33 -13.70
C ALA A 175 -7.74 4.77 -13.36
N ARG A 176 -8.02 5.09 -12.09
CA ARG A 176 -8.38 6.47 -11.69
C ARG A 176 -7.22 7.41 -12.01
N ASN A 177 -5.99 7.00 -11.82
CA ASN A 177 -4.82 7.89 -12.16
C ASN A 177 -4.94 8.33 -13.62
N ILE A 178 -5.23 7.38 -14.48
CA ILE A 178 -5.33 7.61 -15.95
C ILE A 178 -6.59 8.42 -16.24
N ALA A 179 -7.73 8.02 -15.67
CA ALA A 179 -9.03 8.72 -15.86
C ALA A 179 -8.89 10.22 -15.56
N TYR A 180 -8.19 10.57 -14.49
CA TYR A 180 -8.09 11.95 -13.98
C TYR A 180 -6.89 12.69 -14.61
N GLY A 181 -6.11 12.06 -15.48
CA GLY A 181 -5.02 12.75 -16.22
C GLY A 181 -3.68 12.77 -15.50
N GLU A 182 -3.50 11.96 -14.45
CA GLU A 182 -2.24 11.95 -13.67
C GLU A 182 -1.21 11.07 -14.39
N ALA A 183 -1.67 10.19 -15.27
CA ALA A 183 -0.83 9.31 -16.09
C ALA A 183 -1.61 8.96 -17.34
N ASP A 184 -0.91 8.52 -18.38
CA ASP A 184 -1.58 7.98 -19.59
C ASP A 184 -1.50 6.46 -19.61
N VAL A 185 -0.53 5.89 -18.93
CA VAL A 185 -0.31 4.42 -18.88
C VAL A 185 0.04 4.05 -17.45
N MET A 186 -0.49 2.93 -16.94
CA MET A 186 -0.06 2.38 -15.66
C MET A 186 0.11 0.88 -15.79
N VAL A 187 1.14 0.36 -15.15
CA VAL A 187 1.23 -1.11 -14.91
C VAL A 187 0.72 -1.37 -13.50
N ALA A 188 -0.29 -2.21 -13.37
CA ALA A 188 -0.95 -2.36 -12.07
C ALA A 188 -1.38 -3.81 -11.85
N GLY A 189 -1.35 -4.22 -10.61
CA GLY A 189 -1.72 -5.59 -10.23
C GLY A 189 -1.15 -5.90 -8.88
N GLY A 190 -0.75 -7.16 -8.69
CA GLY A 190 -0.22 -7.58 -7.40
C GLY A 190 0.56 -8.88 -7.51
N SER A 191 1.23 -9.22 -6.43
CA SER A 191 2.05 -10.45 -6.36
C SER A 191 2.09 -10.90 -4.90
N GLU A 192 2.33 -12.19 -4.71
CA GLU A 192 2.28 -12.79 -3.37
C GLU A 192 3.09 -14.07 -3.39
N MET A 193 3.87 -14.30 -2.34
N MET A 193 3.86 -14.26 -2.31
CA MET A 193 4.47 -15.61 -2.02
CA MET A 193 4.59 -15.50 -1.98
C MET A 193 4.62 -15.70 -0.51
C MET A 193 4.62 -15.62 -0.46
N ALA A 194 3.54 -16.14 0.13
CA ALA A 194 3.39 -16.18 1.59
C ALA A 194 3.59 -17.61 2.07
N ALA A 195 3.99 -18.54 1.19
CA ALA A 195 4.15 -19.96 1.56
C ALA A 195 5.51 -20.13 2.24
N CYS A 196 5.60 -19.60 3.45
CA CYS A 196 6.69 -19.87 4.43
C CYS A 196 6.06 -20.37 5.73
N GLY A 197 6.88 -20.79 6.70
CA GLY A 197 6.40 -21.21 8.03
C GLY A 197 5.44 -20.20 8.65
N LEU A 198 5.80 -18.92 8.67
CA LEU A 198 4.97 -17.86 9.29
C LEU A 198 3.64 -17.77 8.55
N GLY A 199 3.67 -17.87 7.21
CA GLY A 199 2.46 -17.77 6.37
C GLY A 199 1.48 -18.91 6.64
N LEU A 200 1.92 -20.13 6.35
CA LEU A 200 1.09 -21.33 6.53
C LEU A 200 0.79 -21.49 8.02
N GLY A 201 1.76 -21.22 8.90
CA GLY A 201 1.59 -21.30 10.36
C GLY A 201 0.61 -20.26 10.87
N GLY A 202 0.71 -19.02 10.37
CA GLY A 202 -0.15 -17.96 10.89
C GLY A 202 -1.58 -18.12 10.40
N PHE A 203 -1.79 -18.43 9.13
CA PHE A 203 -3.17 -18.71 8.66
C PHE A 203 -3.68 -19.99 9.33
N GLY A 204 -2.79 -20.96 9.56
CA GLY A 204 -3.16 -22.20 10.26
C GLY A 204 -3.59 -21.91 11.69
N ALA A 205 -2.91 -21.02 12.40
CA ALA A 205 -3.24 -20.65 13.79
C ALA A 205 -4.65 -20.05 13.84
N ALA A 206 -5.11 -19.42 12.76
CA ALA A 206 -6.45 -18.79 12.66
C ALA A 206 -7.49 -19.82 12.19
N ARG A 207 -7.06 -21.05 11.89
CA ARG A 207 -7.96 -22.14 11.45
C ARG A 207 -8.71 -21.67 10.20
N ALA A 208 -8.06 -20.82 9.40
CA ALA A 208 -8.62 -20.21 8.17
C ALA A 208 -8.41 -21.12 6.94
N LEU A 209 -7.43 -22.04 6.96
CA LEU A 209 -7.03 -22.88 5.79
C LEU A 209 -7.78 -24.20 5.74
N SER A 210 -8.11 -24.67 4.53
CA SER A 210 -8.51 -26.07 4.33
C SER A 210 -7.44 -26.97 4.91
N THR A 211 -7.83 -28.07 5.56
CA THR A 211 -6.86 -29.07 6.06
C THR A 211 -7.05 -30.38 5.29
N ARG A 212 -7.54 -30.33 4.04
CA ARG A 212 -7.73 -31.55 3.21
C ARG A 212 -6.39 -32.03 2.62
N ASN A 213 -5.45 -32.41 3.47
CA ASN A 213 -4.06 -32.73 3.06
C ASN A 213 -4.05 -33.95 2.13
N ASP A 214 -5.03 -34.85 2.28
CA ASP A 214 -5.02 -36.15 1.57
C ASP A 214 -5.72 -36.04 0.23
N GLU A 215 -6.24 -34.86 -0.11
CA GLU A 215 -6.86 -34.68 -1.44
C GLU A 215 -6.78 -33.20 -1.82
N PRO A 216 -5.55 -32.65 -1.95
CA PRO A 216 -5.36 -31.21 -2.20
C PRO A 216 -6.15 -30.60 -3.35
N THR A 217 -6.35 -31.32 -4.46
CA THR A 217 -7.02 -30.74 -5.65
C THR A 217 -8.50 -30.51 -5.34
N ARG A 218 -9.04 -31.17 -4.31
CA ARG A 218 -10.48 -31.04 -3.97
C ARG A 218 -10.69 -30.08 -2.81
N ALA A 219 -9.63 -29.48 -2.26
CA ALA A 219 -9.68 -28.69 -1.02
C ALA A 219 -10.47 -27.40 -1.25
N SER A 220 -10.13 -26.69 -2.32
CA SER A 220 -10.78 -25.43 -2.74
C SER A 220 -12.10 -25.75 -3.45
N ARG A 221 -13.20 -25.48 -2.77
CA ARG A 221 -14.54 -25.94 -3.20
C ARG A 221 -15.54 -24.85 -2.85
N PRO A 222 -15.40 -23.66 -3.46
CA PRO A 222 -16.28 -22.53 -3.17
C PRO A 222 -17.77 -22.89 -3.31
N TRP A 223 -18.56 -22.56 -2.28
CA TRP A 223 -20.05 -22.75 -2.19
C TRP A 223 -20.41 -24.22 -2.02
N ASP A 224 -19.44 -25.13 -1.95
CA ASP A 224 -19.74 -26.57 -1.70
C ASP A 224 -20.00 -26.75 -0.19
N ARG A 225 -20.96 -27.60 0.19
CA ARG A 225 -21.33 -27.76 1.62
C ARG A 225 -20.16 -28.34 2.44
N ASP A 226 -19.17 -28.97 1.81
CA ASP A 226 -18.03 -29.64 2.51
C ASP A 226 -16.75 -28.79 2.48
N ARG A 227 -16.84 -27.50 2.14
CA ARG A 227 -15.68 -26.57 2.17
C ARG A 227 -15.24 -26.35 3.62
N ASP A 228 -13.94 -26.15 3.83
CA ASP A 228 -13.35 -26.06 5.19
C ASP A 228 -12.23 -25.02 5.20
N GLY A 229 -12.32 -24.00 4.34
CA GLY A 229 -11.39 -22.85 4.36
C GLY A 229 -10.62 -22.69 3.05
N PHE A 230 -9.84 -21.61 2.95
CA PHE A 230 -9.16 -21.25 1.69
C PHE A 230 -7.86 -22.04 1.58
N VAL A 231 -7.38 -22.06 0.36
CA VAL A 231 -6.12 -22.73 -0.06
C VAL A 231 -5.14 -21.60 -0.41
N LEU A 232 -3.95 -21.64 0.20
CA LEU A 232 -2.96 -20.55 0.04
C LEU A 232 -2.22 -20.78 -1.26
N SER A 233 -2.11 -19.72 -2.08
CA SER A 233 -1.50 -19.82 -3.41
C SER A 233 -0.64 -18.60 -3.71
N ASP A 234 0.27 -18.81 -4.66
CA ASP A 234 1.39 -17.89 -4.94
C ASP A 234 1.25 -17.42 -6.38
N GLY A 235 1.73 -16.21 -6.67
CA GLY A 235 1.88 -15.81 -8.06
C GLY A 235 1.72 -14.33 -8.18
N SER A 236 1.25 -13.89 -9.35
N SER A 236 1.34 -13.87 -9.37
CA SER A 236 1.26 -12.47 -9.76
CA SER A 236 1.26 -12.42 -9.71
C SER A 236 0.37 -12.25 -10.98
C SER A 236 0.44 -12.22 -10.98
N GLY A 237 -0.26 -11.08 -11.05
CA GLY A 237 -0.95 -10.61 -12.23
C GLY A 237 -0.56 -9.16 -12.41
N ALA A 238 -0.39 -8.76 -13.65
CA ALA A 238 -0.18 -7.33 -14.00
C ALA A 238 -0.94 -7.03 -15.30
N LEU A 239 -1.49 -5.84 -15.36
CA LEU A 239 -2.18 -5.31 -16.55
C LEU A 239 -1.53 -3.98 -16.88
N VAL A 240 -1.42 -3.72 -18.18
CA VAL A 240 -1.15 -2.38 -18.72
C VAL A 240 -2.51 -1.74 -19.00
N LEU A 241 -2.82 -0.73 -18.21
CA LEU A 241 -3.97 0.17 -18.34
C LEU A 241 -3.51 1.36 -19.16
N GLU A 242 -4.35 1.83 -20.07
CA GLU A 242 -3.90 2.91 -20.97
C GLU A 242 -5.11 3.77 -21.31
N GLU A 243 -4.92 5.08 -21.34
CA GLU A 243 -6.01 5.98 -21.79
C GLU A 243 -6.43 5.57 -23.21
N LEU A 244 -7.74 5.60 -23.50
CA LEU A 244 -8.30 5.09 -24.76
C LEU A 244 -7.64 5.78 -25.97
N GLU A 245 -7.62 7.11 -26.02
CA GLU A 245 -7.11 7.85 -27.22
C GLU A 245 -5.60 7.58 -27.39
N HIS A 246 -4.84 7.52 -26.30
CA HIS A 246 -3.41 7.09 -26.32
C HIS A 246 -3.30 5.72 -27.00
N ALA A 247 -4.13 4.75 -26.60
CA ALA A 247 -4.11 3.38 -27.15
C ALA A 247 -4.49 3.42 -28.64
N ARG A 248 -5.57 4.13 -28.97
CA ARG A 248 -6.03 4.29 -30.39
C ARG A 248 -4.93 4.92 -31.23
N ALA A 249 -4.27 5.96 -30.70
CA ALA A 249 -3.23 6.76 -31.41
C ALA A 249 -2.08 5.85 -31.84
N ARG A 250 -1.70 4.88 -31.02
CA ARG A 250 -0.51 4.03 -31.32
C ARG A 250 -0.94 2.71 -31.98
N GLY A 251 -2.23 2.52 -32.24
CA GLY A 251 -2.80 1.30 -32.86
C GLY A 251 -2.71 0.10 -31.93
N ALA A 252 -2.86 0.31 -30.62
CA ALA A 252 -2.72 -0.78 -29.64
C ALA A 252 -3.83 -1.80 -29.88
N ARG A 253 -3.54 -3.07 -29.61
CA ARG A 253 -4.57 -4.09 -29.40
C ARG A 253 -5.23 -3.82 -28.06
N ILE A 254 -6.55 -3.70 -28.03
CA ILE A 254 -7.31 -3.45 -26.76
C ILE A 254 -8.10 -4.71 -26.42
N TYR A 255 -7.85 -5.29 -25.24
CA TYR A 255 -8.54 -6.51 -24.81
C TYR A 255 -9.97 -6.19 -24.38
N ALA A 256 -10.15 -5.09 -23.65
CA ALA A 256 -11.41 -4.70 -23.03
C ALA A 256 -11.26 -3.31 -22.44
N GLU A 257 -12.38 -2.74 -22.00
CA GLU A 257 -12.39 -1.43 -21.35
C GLU A 257 -12.68 -1.64 -19.86
N LEU A 258 -11.97 -0.91 -18.99
N LEU A 258 -12.03 -0.86 -19.00
CA LEU A 258 -12.25 -0.83 -17.54
CA LEU A 258 -12.25 -0.81 -17.54
C LEU A 258 -13.24 0.33 -17.37
C LEU A 258 -13.21 0.34 -17.27
N VAL A 259 -14.50 0.01 -17.07
CA VAL A 259 -15.58 1.05 -17.02
C VAL A 259 -15.96 1.41 -15.59
N GLY A 260 -15.67 0.54 -14.62
CA GLY A 260 -16.20 0.73 -13.26
C GLY A 260 -15.23 0.27 -12.19
N PHE A 261 -15.18 1.03 -11.10
CA PHE A 261 -14.40 0.64 -9.91
C PHE A 261 -15.17 1.08 -8.68
N GLY A 262 -15.35 0.15 -7.76
CA GLY A 262 -15.92 0.46 -6.45
C GLY A 262 -15.07 -0.02 -5.32
N MET A 263 -15.18 0.71 -4.21
CA MET A 263 -14.60 0.37 -2.92
C MET A 263 -15.67 0.62 -1.87
N SER A 264 -15.57 -0.12 -0.79
CA SER A 264 -16.40 0.09 0.40
C SER A 264 -15.69 -0.57 1.57
N GLY A 265 -15.98 -0.13 2.79
CA GLY A 265 -15.56 -0.83 4.01
C GLY A 265 -16.76 -1.46 4.67
N ASP A 266 -16.64 -2.70 5.08
CA ASP A 266 -17.68 -3.40 5.87
C ASP A 266 -17.89 -2.67 7.19
N ALA A 267 -16.80 -2.21 7.81
CA ALA A 267 -16.81 -1.70 9.20
C ALA A 267 -17.46 -2.70 10.16
N PHE A 268 -17.19 -4.00 10.00
CA PHE A 268 -17.87 -5.08 10.74
C PHE A 268 -16.89 -5.80 11.66
N HIS A 269 -15.85 -6.42 11.10
CA HIS A 269 -14.95 -7.35 11.83
C HIS A 269 -13.58 -7.39 11.15
N MET A 270 -12.52 -7.60 11.95
CA MET A 270 -11.11 -7.59 11.48
C MET A 270 -10.92 -8.62 10.37
N THR A 271 -11.58 -9.79 10.43
CA THR A 271 -11.31 -10.92 9.50
C THR A 271 -12.59 -11.51 8.89
N ALA A 272 -13.72 -11.40 9.58
CA ALA A 272 -14.98 -12.05 9.19
C ALA A 272 -15.79 -11.10 8.32
N PRO A 273 -16.34 -11.58 7.20
CA PRO A 273 -17.26 -10.80 6.38
C PRO A 273 -18.64 -10.87 7.03
N PRO A 274 -19.49 -9.85 6.96
CA PRO A 274 -20.84 -9.97 7.54
C PRO A 274 -21.64 -10.99 6.69
N GLU A 275 -22.49 -11.77 7.36
CA GLU A 275 -23.25 -12.90 6.73
C GLU A 275 -24.10 -12.40 5.54
N ASP A 276 -24.63 -11.18 5.64
CA ASP A 276 -25.55 -10.60 4.62
C ASP A 276 -24.79 -9.95 3.46
N GLY A 277 -23.45 -9.90 3.52
CA GLY A 277 -22.63 -9.31 2.44
C GLY A 277 -22.94 -7.84 2.19
N ALA A 278 -23.34 -7.08 3.20
CA ALA A 278 -23.77 -5.67 3.04
C ALA A 278 -22.63 -4.82 2.43
N GLY A 279 -21.40 -5.01 2.89
CA GLY A 279 -20.26 -4.21 2.39
C GLY A 279 -19.95 -4.55 0.94
N ALA A 280 -19.99 -5.84 0.58
CA ALA A 280 -19.79 -6.32 -0.81
C ALA A 280 -20.90 -5.76 -1.73
N ALA A 281 -22.14 -5.74 -1.26
CA ALA A 281 -23.24 -5.14 -2.03
C ALA A 281 -22.97 -3.65 -2.23
N ARG A 282 -22.56 -2.92 -1.20
CA ARG A 282 -22.34 -1.46 -1.31
C ARG A 282 -21.24 -1.25 -2.37
N CYS A 283 -20.20 -2.07 -2.26
CA CYS A 283 -19.04 -1.99 -3.19
C CYS A 283 -19.50 -2.22 -4.64
N MET A 284 -20.26 -3.27 -4.90
CA MET A 284 -20.71 -3.58 -6.27
C MET A 284 -21.62 -2.46 -6.79
N LYS A 285 -22.54 -1.99 -5.96
CA LYS A 285 -23.44 -0.89 -6.38
C LYS A 285 -22.61 0.35 -6.75
N ASN A 286 -21.62 0.72 -5.95
CA ASN A 286 -20.70 1.84 -6.28
C ASN A 286 -20.08 1.63 -7.65
N ALA A 287 -19.58 0.40 -7.93
CA ALA A 287 -18.87 0.09 -9.19
C ALA A 287 -19.83 0.19 -10.38
N LEU A 288 -21.05 -0.31 -10.24
CA LEU A 288 -22.02 -0.33 -11.38
C LEU A 288 -22.45 1.11 -11.64
N ARG A 289 -22.66 1.92 -10.60
CA ARG A 289 -23.03 3.35 -10.77
C ARG A 289 -21.85 4.09 -11.44
N ASP A 290 -20.62 3.80 -11.02
CA ASP A 290 -19.39 4.35 -11.61
C ASP A 290 -19.34 4.01 -13.10
N ALA A 291 -19.78 2.80 -13.50
CA ALA A 291 -19.73 2.35 -14.91
C ALA A 291 -20.96 2.85 -15.69
N GLY A 292 -21.92 3.52 -15.06
CA GLY A 292 -23.12 4.04 -15.74
C GLY A 292 -23.94 2.89 -16.29
N LEU A 293 -24.05 1.78 -15.54
CA LEU A 293 -24.71 0.56 -16.05
C LEU A 293 -26.06 0.33 -15.36
N ASP A 294 -26.94 -0.34 -16.08
CA ASP A 294 -28.06 -1.11 -15.50
C ASP A 294 -27.48 -2.41 -14.95
N PRO A 295 -27.75 -2.80 -13.68
CA PRO A 295 -27.21 -4.06 -13.15
C PRO A 295 -27.52 -5.26 -14.06
N ARG A 296 -28.66 -5.21 -14.77
CA ARG A 296 -29.05 -6.30 -15.69
C ARG A 296 -28.03 -6.49 -16.82
N GLN A 297 -27.10 -5.56 -17.04
CA GLN A 297 -26.09 -5.69 -18.12
C GLN A 297 -25.01 -6.68 -17.66
N VAL A 298 -24.90 -6.95 -16.36
CA VAL A 298 -23.80 -7.84 -15.86
C VAL A 298 -24.09 -9.27 -16.32
N ASP A 299 -23.15 -9.86 -17.07
CA ASP A 299 -23.29 -11.22 -17.61
C ASP A 299 -22.47 -12.21 -16.79
N TYR A 300 -21.28 -11.81 -16.34
CA TYR A 300 -20.33 -12.74 -15.65
C TYR A 300 -19.76 -12.05 -14.42
N ILE A 301 -19.68 -12.79 -13.31
CA ILE A 301 -18.99 -12.29 -12.10
C ILE A 301 -17.88 -13.27 -11.75
N ASN A 302 -16.63 -12.81 -11.74
CA ASN A 302 -15.53 -13.56 -11.11
C ASN A 302 -15.58 -13.23 -9.61
N ALA A 303 -16.18 -14.14 -8.86
CA ALA A 303 -16.37 -14.00 -7.39
C ALA A 303 -15.03 -13.93 -6.69
N HIS A 304 -15.02 -13.40 -5.48
CA HIS A 304 -13.90 -13.67 -4.55
C HIS A 304 -13.84 -15.18 -4.27
N GLY A 305 -14.94 -15.79 -3.80
CA GLY A 305 -15.09 -17.26 -3.77
C GLY A 305 -13.92 -17.98 -3.12
N THR A 306 -13.61 -17.65 -1.87
CA THR A 306 -12.41 -18.12 -1.14
C THR A 306 -12.55 -19.60 -0.69
N SER A 307 -13.77 -20.15 -0.63
CA SER A 307 -14.01 -21.51 -0.06
C SER A 307 -13.98 -21.44 1.46
N THR A 308 -14.29 -20.27 2.04
CA THR A 308 -14.56 -20.18 3.50
C THR A 308 -16.07 -20.29 3.69
N PRO A 309 -16.52 -20.93 4.79
CA PRO A 309 -17.95 -21.01 5.09
C PRO A 309 -18.62 -19.63 4.97
N ALA A 310 -18.18 -18.63 5.72
CA ALA A 310 -18.92 -17.35 5.83
C ALA A 310 -18.71 -16.49 4.58
N GLY A 311 -17.49 -16.45 4.03
CA GLY A 311 -17.22 -15.63 2.84
C GLY A 311 -18.07 -16.03 1.66
N ASP A 312 -18.13 -17.32 1.35
CA ASP A 312 -18.85 -17.78 0.14
C ASP A 312 -20.34 -17.43 0.28
N ILE A 313 -20.95 -17.60 1.44
CA ILE A 313 -22.42 -17.36 1.58
C ILE A 313 -22.69 -15.85 1.58
N ALA A 314 -21.80 -15.02 2.15
CA ALA A 314 -21.95 -13.55 2.11
C ALA A 314 -22.00 -13.09 0.66
N GLU A 315 -21.18 -13.67 -0.22
CA GLU A 315 -21.13 -13.24 -1.64
C GLU A 315 -22.44 -13.58 -2.33
N ILE A 316 -22.99 -14.75 -2.06
CA ILE A 316 -24.33 -15.10 -2.63
C ILE A 316 -25.33 -14.03 -2.17
N ALA A 317 -25.38 -13.73 -0.88
CA ALA A 317 -26.33 -12.75 -0.31
C ALA A 317 -26.13 -11.38 -0.98
N ALA A 318 -24.88 -10.94 -1.17
CA ALA A 318 -24.56 -9.65 -1.80
C ALA A 318 -25.04 -9.62 -3.25
N VAL A 319 -24.77 -10.68 -4.02
CA VAL A 319 -25.16 -10.74 -5.45
C VAL A 319 -26.69 -10.75 -5.59
N LYS A 320 -27.39 -11.47 -4.71
CA LYS A 320 -28.88 -11.50 -4.71
C LYS A 320 -29.39 -10.09 -4.38
N SER A 321 -28.77 -9.40 -3.43
CA SER A 321 -29.25 -8.07 -2.97
C SER A 321 -29.02 -7.06 -4.11
N VAL A 322 -27.89 -7.14 -4.81
CA VAL A 322 -27.56 -6.16 -5.89
C VAL A 322 -28.39 -6.44 -7.15
N PHE A 323 -28.56 -7.70 -7.53
CA PHE A 323 -29.04 -8.03 -8.90
C PHE A 323 -30.49 -8.48 -8.88
N GLY A 324 -31.08 -8.77 -7.72
CA GLY A 324 -32.49 -9.20 -7.66
C GLY A 324 -32.73 -10.37 -8.58
N GLU A 325 -33.75 -10.31 -9.42
CA GLU A 325 -34.11 -11.47 -10.29
C GLU A 325 -32.98 -11.72 -11.28
N HIS A 326 -32.26 -10.66 -11.67
CA HIS A 326 -31.15 -10.83 -12.62
C HIS A 326 -30.03 -11.71 -12.03
N ALA A 327 -29.98 -11.88 -10.71
CA ALA A 327 -28.99 -12.79 -10.07
C ALA A 327 -29.10 -14.20 -10.66
N HIS A 328 -30.29 -14.56 -11.16
CA HIS A 328 -30.60 -15.90 -11.71
C HIS A 328 -30.21 -16.01 -13.20
N ALA A 329 -29.79 -14.93 -13.86
CA ALA A 329 -29.52 -14.92 -15.32
C ALA A 329 -27.99 -14.81 -15.56
N LEU A 330 -27.30 -14.04 -14.74
CA LEU A 330 -25.84 -13.92 -14.84
C LEU A 330 -25.20 -15.27 -14.44
N SER A 331 -23.92 -15.41 -14.81
CA SER A 331 -23.06 -16.54 -14.39
C SER A 331 -22.03 -16.02 -13.40
N MET A 332 -21.78 -16.74 -12.32
CA MET A 332 -20.77 -16.33 -11.31
C MET A 332 -19.90 -17.54 -11.06
N SER A 333 -18.58 -17.38 -11.11
CA SER A 333 -17.69 -18.50 -10.74
C SER A 333 -16.50 -18.00 -9.94
N SER A 334 -15.91 -18.96 -9.22
CA SER A 334 -14.69 -18.74 -8.44
C SER A 334 -13.60 -19.57 -9.10
N THR A 335 -12.68 -18.86 -9.74
CA THR A 335 -11.46 -19.50 -10.30
C THR A 335 -10.53 -19.91 -9.17
N LYS A 336 -10.78 -19.48 -7.93
CA LYS A 336 -9.99 -19.96 -6.78
C LYS A 336 -10.25 -21.47 -6.56
N SER A 337 -11.35 -21.99 -7.10
CA SER A 337 -11.60 -23.45 -7.14
C SER A 337 -10.39 -24.19 -7.73
N MET A 338 -9.71 -23.58 -8.71
CA MET A 338 -8.56 -24.17 -9.43
C MET A 338 -7.22 -23.57 -8.97
N THR A 339 -7.16 -22.25 -8.74
CA THR A 339 -5.87 -21.56 -8.50
C THR A 339 -5.55 -21.50 -7.01
N GLY A 340 -6.56 -21.64 -6.17
CA GLY A 340 -6.48 -21.26 -4.76
C GLY A 340 -6.43 -19.75 -4.65
N HIS A 341 -6.12 -19.28 -3.46
CA HIS A 341 -6.24 -17.88 -3.02
C HIS A 341 -4.87 -17.23 -3.06
N LEU A 342 -4.61 -16.40 -4.08
CA LEU A 342 -3.31 -15.70 -4.26
C LEU A 342 -3.29 -14.41 -3.42
N LEU A 343 -4.23 -14.23 -2.50
CA LEU A 343 -4.17 -13.15 -1.49
C LEU A 343 -4.05 -11.82 -2.26
N GLY A 344 -3.00 -11.05 -2.04
CA GLY A 344 -2.87 -9.74 -2.70
C GLY A 344 -2.81 -9.84 -4.21
N ALA A 345 -2.44 -10.99 -4.79
CA ALA A 345 -2.42 -11.20 -6.24
C ALA A 345 -3.76 -11.72 -6.76
N ALA A 346 -4.68 -12.18 -5.89
CA ALA A 346 -5.96 -12.81 -6.34
C ALA A 346 -6.69 -11.84 -7.27
N GLY A 347 -6.80 -10.56 -6.88
CA GLY A 347 -7.64 -9.64 -7.66
C GLY A 347 -6.97 -9.34 -8.98
N ALA A 348 -5.65 -9.45 -9.02
CA ALA A 348 -4.90 -9.20 -10.28
C ALA A 348 -5.08 -10.35 -11.28
N VAL A 349 -4.88 -11.59 -10.89
CA VAL A 349 -5.06 -12.72 -11.84
C VAL A 349 -6.55 -12.83 -12.20
N GLU A 350 -7.46 -12.53 -11.27
CA GLU A 350 -8.90 -12.67 -11.53
C GLU A 350 -9.38 -11.55 -12.45
N ALA A 351 -8.77 -10.37 -12.37
CA ALA A 351 -9.07 -9.31 -13.37
C ALA A 351 -8.67 -9.83 -14.76
N ILE A 352 -7.51 -10.50 -14.86
CA ILE A 352 -7.07 -11.05 -16.17
C ILE A 352 -8.06 -12.12 -16.63
N PHE A 353 -8.54 -12.97 -15.73
CA PHE A 353 -9.49 -14.04 -16.09
C PHE A 353 -10.80 -13.41 -16.56
N SER A 354 -11.23 -12.32 -15.93
CA SER A 354 -12.45 -11.57 -16.31
C SER A 354 -12.30 -10.97 -17.72
N VAL A 355 -11.15 -10.39 -18.03
CA VAL A 355 -10.88 -9.84 -19.39
C VAL A 355 -10.91 -10.99 -20.41
N LEU A 356 -10.31 -12.12 -20.10
CA LEU A 356 -10.28 -13.28 -21.03
C LEU A 356 -11.66 -13.89 -21.15
N ALA A 357 -12.48 -13.85 -20.09
CA ALA A 357 -13.89 -14.28 -20.22
C ALA A 357 -14.56 -13.42 -21.30
N LEU A 358 -14.30 -12.11 -21.32
CA LEU A 358 -14.84 -11.21 -22.35
C LEU A 358 -14.26 -11.58 -23.72
N ARG A 359 -12.95 -11.77 -23.82
CA ARG A 359 -12.34 -12.07 -25.13
C ARG A 359 -12.98 -13.35 -25.71
N ASP A 360 -13.10 -14.40 -24.91
CA ASP A 360 -13.42 -15.77 -25.40
C ASP A 360 -14.90 -16.08 -25.25
N GLN A 361 -15.67 -15.20 -24.62
CA GLN A 361 -17.13 -15.42 -24.42
C GLN A 361 -17.36 -16.78 -23.72
N VAL A 362 -16.73 -16.95 -22.57
CA VAL A 362 -16.85 -18.21 -21.80
C VAL A 362 -16.70 -17.88 -20.32
N ALA A 363 -17.57 -18.42 -19.51
CA ALA A 363 -17.49 -18.37 -18.05
C ALA A 363 -16.66 -19.55 -17.59
N PRO A 364 -15.53 -19.27 -16.92
CA PRO A 364 -14.72 -20.33 -16.32
C PRO A 364 -15.52 -21.08 -15.28
N PRO A 365 -15.20 -22.36 -15.04
CA PRO A 365 -15.94 -23.13 -14.04
C PRO A 365 -15.60 -22.81 -12.58
N THR A 366 -16.52 -23.13 -11.69
CA THR A 366 -16.20 -23.38 -10.26
C THR A 366 -16.02 -24.89 -10.16
N ILE A 367 -14.79 -25.39 -10.19
CA ILE A 367 -14.62 -26.87 -9.99
C ILE A 367 -14.93 -27.24 -8.54
N ASN A 368 -15.19 -28.53 -8.32
CA ASN A 368 -15.38 -29.12 -6.96
C ASN A 368 -16.74 -28.79 -6.36
N LEU A 369 -17.64 -28.17 -7.12
CA LEU A 369 -18.94 -27.73 -6.58
C LEU A 369 -19.92 -28.90 -6.68
N ASP A 370 -19.65 -29.93 -5.88
CA ASP A 370 -20.36 -31.23 -5.95
C ASP A 370 -21.75 -31.04 -5.32
N ASN A 371 -21.83 -30.35 -4.19
CA ASN A 371 -23.12 -30.17 -3.46
C ASN A 371 -23.22 -28.74 -2.97
N PRO A 372 -23.81 -27.84 -3.80
CA PRO A 372 -24.01 -26.46 -3.43
C PRO A 372 -24.68 -26.38 -2.07
N ASP A 373 -24.20 -25.47 -1.23
CA ASP A 373 -24.71 -25.30 0.15
C ASP A 373 -26.10 -24.64 0.10
N GLU A 374 -26.75 -24.57 1.26
CA GLU A 374 -28.06 -23.88 1.45
C GLU A 374 -27.91 -22.46 0.89
N GLY A 375 -28.81 -22.09 -0.03
CA GLY A 375 -28.94 -20.72 -0.58
C GLY A 375 -28.03 -20.46 -1.77
N CYS A 376 -27.11 -21.38 -2.11
CA CYS A 376 -26.09 -21.23 -3.17
C CYS A 376 -26.71 -21.76 -4.48
N ASP A 377 -27.81 -21.14 -4.94
CA ASP A 377 -28.68 -21.71 -6.01
C ASP A 377 -28.59 -20.84 -7.27
N LEU A 378 -27.53 -20.05 -7.42
CA LEU A 378 -27.30 -19.27 -8.64
C LEU A 378 -26.61 -20.16 -9.69
N ASP A 379 -26.42 -19.63 -10.88
CA ASP A 379 -25.53 -20.25 -11.88
C ASP A 379 -24.09 -20.00 -11.43
N LEU A 380 -23.49 -20.98 -10.78
CA LEU A 380 -22.11 -20.90 -10.28
C LEU A 380 -21.16 -21.65 -11.23
N VAL A 381 -21.62 -21.98 -12.42
CA VAL A 381 -20.80 -22.61 -13.49
C VAL A 381 -20.10 -23.86 -12.93
N ALA A 382 -20.84 -24.70 -12.22
CA ALA A 382 -20.25 -25.89 -11.57
C ALA A 382 -19.52 -26.75 -12.61
N HIS A 383 -18.31 -27.19 -12.27
CA HIS A 383 -17.56 -28.30 -12.90
C HIS A 383 -16.95 -27.92 -14.26
N GLU A 384 -17.71 -27.32 -15.17
CA GLU A 384 -17.29 -27.17 -16.58
C GLU A 384 -17.51 -25.75 -17.09
N ALA A 385 -16.55 -25.25 -17.87
CA ALA A 385 -16.59 -23.91 -18.49
C ALA A 385 -17.89 -23.79 -19.28
N LYS A 386 -18.49 -22.61 -19.29
CA LYS A 386 -19.78 -22.42 -19.99
C LYS A 386 -19.63 -21.31 -21.03
N PRO A 387 -19.59 -21.64 -22.33
CA PRO A 387 -19.61 -20.61 -23.35
C PRO A 387 -20.92 -19.84 -23.21
N ARG A 388 -20.88 -18.52 -23.31
CA ARG A 388 -22.10 -17.68 -23.17
C ARG A 388 -21.77 -16.27 -23.62
N LYS A 389 -22.81 -15.49 -23.81
CA LYS A 389 -22.65 -14.05 -24.11
C LYS A 389 -22.18 -13.35 -22.82
N ILE A 390 -21.10 -12.60 -22.94
CA ILE A 390 -20.53 -11.76 -21.87
C ILE A 390 -20.16 -10.41 -22.49
N ASP A 391 -20.98 -9.41 -22.23
CA ASP A 391 -20.66 -8.01 -22.59
C ASP A 391 -20.00 -7.29 -21.40
N VAL A 392 -20.41 -7.62 -20.17
CA VAL A 392 -19.97 -6.94 -18.92
C VAL A 392 -19.57 -8.01 -17.92
N ALA A 393 -18.35 -7.89 -17.40
CA ALA A 393 -17.81 -8.82 -16.42
C ALA A 393 -17.40 -8.01 -15.20
N LEU A 394 -17.69 -8.54 -14.02
N LEU A 394 -17.81 -8.47 -14.01
CA LEU A 394 -17.39 -7.92 -12.71
CA LEU A 394 -17.35 -7.97 -12.69
C LEU A 394 -16.41 -8.84 -11.96
C LEU A 394 -16.22 -8.86 -12.18
N SER A 395 -15.36 -8.29 -11.35
CA SER A 395 -14.41 -9.06 -10.52
C SER A 395 -14.48 -8.49 -9.11
N ASN A 396 -14.77 -9.33 -8.12
CA ASN A 396 -14.91 -8.91 -6.71
C ASN A 396 -13.77 -9.42 -5.84
N SER A 397 -13.34 -8.62 -4.88
CA SER A 397 -12.35 -8.99 -3.85
C SER A 397 -12.83 -8.39 -2.53
N PHE A 398 -12.60 -9.13 -1.44
N PHE A 398 -12.71 -9.15 -1.45
CA PHE A 398 -12.91 -8.73 -0.04
CA PHE A 398 -12.84 -8.60 -0.07
C PHE A 398 -11.76 -9.21 0.84
C PHE A 398 -11.60 -9.05 0.69
N GLY A 399 -11.35 -8.41 1.82
CA GLY A 399 -10.14 -8.70 2.59
C GLY A 399 -10.30 -8.37 4.03
N PHE A 400 -9.33 -8.81 4.82
CA PHE A 400 -9.17 -8.40 6.21
C PHE A 400 -9.29 -6.89 6.29
N GLY A 401 -9.89 -6.46 7.42
CA GLY A 401 -10.19 -5.05 7.69
C GLY A 401 -11.50 -4.65 7.06
N GLY A 402 -12.24 -5.60 6.49
CA GLY A 402 -13.55 -5.31 5.86
C GLY A 402 -13.40 -4.51 4.59
N THR A 403 -12.27 -4.67 3.88
N THR A 403 -12.24 -4.66 3.95
CA THR A 403 -11.95 -3.87 2.67
CA THR A 403 -11.89 -4.02 2.67
C THR A 403 -12.44 -4.60 1.41
C THR A 403 -12.73 -4.68 1.57
N ASN A 404 -13.21 -3.90 0.60
CA ASN A 404 -13.92 -4.46 -0.58
C ASN A 404 -13.49 -3.70 -1.83
N GLY A 405 -13.32 -4.42 -2.92
CA GLY A 405 -13.14 -3.80 -4.25
C GLY A 405 -13.90 -4.55 -5.30
N THR A 406 -14.37 -3.81 -6.28
CA THR A 406 -15.05 -4.39 -7.43
C THR A 406 -14.54 -3.70 -8.68
N LEU A 407 -14.19 -4.46 -9.69
CA LEU A 407 -13.85 -3.94 -11.02
C LEU A 407 -14.92 -4.37 -12.02
N VAL A 408 -15.23 -3.47 -12.94
CA VAL A 408 -16.21 -3.70 -14.03
C VAL A 408 -15.51 -3.51 -15.35
N PHE A 409 -15.49 -4.56 -16.16
CA PHE A 409 -14.88 -4.58 -17.49
C PHE A 409 -16.00 -4.78 -18.50
N ARG A 410 -15.82 -4.28 -19.71
CA ARG A 410 -16.76 -4.60 -20.81
C ARG A 410 -16.02 -4.69 -22.12
N ARG A 411 -16.64 -5.39 -23.06
CA ARG A 411 -16.08 -5.53 -24.44
C ARG A 411 -15.82 -4.15 -25.01
N PHE A 412 -14.72 -4.00 -25.73
CA PHE A 412 -14.45 -2.77 -26.51
C PHE A 412 -14.54 -3.06 -28.03
N ALA A 413 -15.36 -2.30 -28.74
CA ALA A 413 -15.49 -2.34 -30.22
C ALA A 413 -15.26 -0.94 -30.79
N SER B 2 -13.44 19.67 -13.38
CA SER B 2 -13.31 20.49 -12.14
C SER B 2 -13.01 19.60 -10.93
N ARG B 3 -12.82 20.21 -9.76
CA ARG B 3 -12.22 19.57 -8.55
C ARG B 3 -12.65 20.30 -7.28
N ARG B 4 -13.00 19.59 -6.21
CA ARG B 4 -13.39 20.22 -4.93
C ARG B 4 -12.14 20.55 -4.11
N ARG B 5 -12.26 21.50 -3.21
CA ARG B 5 -11.17 21.94 -2.35
C ARG B 5 -11.13 21.03 -1.12
N VAL B 6 -9.92 20.84 -0.60
CA VAL B 6 -9.63 19.94 0.54
C VAL B 6 -8.91 20.73 1.64
N VAL B 7 -9.44 20.65 2.86
CA VAL B 7 -8.83 21.30 4.03
C VAL B 7 -8.54 20.26 5.11
N ILE B 8 -7.67 20.67 6.03
CA ILE B 8 -7.24 19.87 7.19
C ILE B 8 -8.00 20.38 8.40
N THR B 9 -8.77 19.52 9.04
CA THR B 9 -9.65 19.89 10.17
C THR B 9 -9.25 19.15 11.46
N GLY B 10 -8.30 18.23 11.40
CA GLY B 10 -7.93 17.42 12.58
C GLY B 10 -6.54 16.83 12.40
N MET B 11 -5.73 16.84 13.46
CA MET B 11 -4.39 16.23 13.39
C MET B 11 -4.12 15.43 14.66
N GLY B 12 -3.30 14.40 14.51
CA GLY B 12 -2.94 13.43 15.57
C GLY B 12 -1.54 12.89 15.36
N MET B 13 -0.85 12.55 16.42
CA MET B 13 0.58 12.21 16.29
C MET B 13 1.08 11.44 17.53
N LEU B 14 1.95 10.47 17.29
CA LEU B 14 2.95 9.98 18.25
C LEU B 14 4.33 10.22 17.63
N SER B 15 5.26 10.76 18.38
CA SER B 15 6.62 11.00 17.85
C SER B 15 7.64 10.84 18.97
N PRO B 16 8.92 10.77 18.60
CA PRO B 16 9.97 10.77 19.60
C PRO B 16 9.96 12.03 20.47
N LEU B 17 9.24 13.08 20.08
CA LEU B 17 9.16 14.35 20.87
C LEU B 17 7.93 14.40 21.78
N GLY B 18 6.94 13.53 21.57
CA GLY B 18 5.71 13.68 22.37
C GLY B 18 4.60 12.77 21.93
N LEU B 19 3.60 12.64 22.79
CA LEU B 19 2.50 11.66 22.62
C LEU B 19 1.29 12.35 21.98
N ASP B 20 1.48 13.56 21.47
CA ASP B 20 0.41 14.26 20.72
C ASP B 20 1.03 15.36 19.86
N VAL B 21 0.20 16.07 19.15
CA VAL B 21 0.69 17.14 18.25
C VAL B 21 1.29 18.28 19.05
N PRO B 22 0.57 18.91 20.00
CA PRO B 22 1.09 20.13 20.61
C PRO B 22 2.41 19.86 21.36
N SER B 23 2.56 18.72 22.04
CA SER B 23 3.83 18.42 22.75
C SER B 23 4.96 18.22 21.72
N SER B 24 4.70 17.50 20.65
CA SER B 24 5.68 17.25 19.57
C SER B 24 6.12 18.59 19.01
N TRP B 25 5.16 19.47 18.70
CA TRP B 25 5.41 20.78 18.05
C TRP B 25 6.20 21.70 18.99
N GLU B 26 5.88 21.68 20.28
CA GLU B 26 6.64 22.46 21.29
C GLU B 26 8.10 22.01 21.26
N GLY B 27 8.36 20.71 21.15
CA GLY B 27 9.73 20.20 21.05
C GLY B 27 10.41 20.70 19.79
N ILE B 28 9.70 20.66 18.68
CA ILE B 28 10.22 21.06 17.34
C ILE B 28 10.68 22.51 17.38
N LEU B 29 9.83 23.41 17.86
CA LEU B 29 10.16 24.86 17.93
C LEU B 29 11.25 25.16 18.96
N ALA B 30 11.45 24.31 19.96
CA ALA B 30 12.56 24.45 20.95
C ALA B 30 13.85 23.78 20.47
N GLY B 31 13.88 23.12 19.31
CA GLY B 31 15.10 22.47 18.81
C GLY B 31 15.49 21.25 19.64
N ARG B 32 14.53 20.61 20.30
CA ARG B 32 14.78 19.44 21.17
C ARG B 32 14.95 18.18 20.33
N SER B 33 15.91 17.32 20.67
CA SER B 33 16.10 15.98 20.08
C SER B 33 15.23 14.95 20.82
N GLY B 34 14.58 14.06 20.09
CA GLY B 34 13.90 12.88 20.67
C GLY B 34 14.77 11.64 20.56
N ILE B 35 16.07 11.77 20.21
CA ILE B 35 16.94 10.60 19.90
C ILE B 35 17.71 10.18 21.15
N ALA B 36 17.79 8.87 21.39
CA ALA B 36 18.42 8.32 22.60
C ALA B 36 18.75 6.86 22.38
N PRO B 37 19.68 6.29 23.17
CA PRO B 37 19.98 4.87 23.05
C PRO B 37 18.66 4.14 23.29
N ILE B 38 18.49 3.07 22.55
CA ILE B 38 17.25 2.28 22.59
C ILE B 38 17.31 1.41 23.83
N GLU B 39 16.21 1.38 24.58
CA GLU B 39 16.11 0.64 25.87
C GLU B 39 15.39 -0.70 25.68
N HIS B 40 15.52 -1.60 26.67
CA HIS B 40 14.77 -2.89 26.77
C HIS B 40 15.02 -3.66 25.48
N MET B 41 16.28 -3.74 25.09
CA MET B 41 16.69 -4.36 23.82
C MET B 41 18.22 -4.43 23.80
N ASP B 42 18.80 -5.61 23.58
CA ASP B 42 20.27 -5.80 23.66
C ASP B 42 20.88 -5.48 22.31
N LEU B 43 21.49 -4.30 22.14
CA LEU B 43 22.03 -3.91 20.82
C LEU B 43 23.57 -3.94 20.81
N SER B 44 24.20 -4.70 21.73
CA SER B 44 25.69 -4.84 21.80
C SER B 44 26.30 -5.20 20.44
N ALA B 45 25.70 -6.17 19.75
CA ALA B 45 26.27 -6.73 18.50
C ALA B 45 26.02 -5.76 17.32
N TYR B 46 25.24 -4.70 17.53
CA TYR B 46 24.74 -3.78 16.47
C TYR B 46 25.67 -2.58 16.32
N SER B 47 25.85 -2.09 15.09
CA SER B 47 26.68 -0.89 14.79
C SER B 47 25.94 0.41 15.17
N THR B 48 24.60 0.39 15.22
CA THR B 48 23.77 1.51 15.73
C THR B 48 22.97 1.07 16.97
N ARG B 49 22.98 1.85 18.06
CA ARG B 49 22.39 1.47 19.37
C ARG B 49 21.34 2.49 19.82
N PHE B 50 21.02 3.48 18.98
CA PHE B 50 20.13 4.61 19.35
C PHE B 50 19.09 4.83 18.24
N GLY B 51 18.10 5.64 18.54
CA GLY B 51 17.02 6.01 17.60
C GLY B 51 16.00 6.89 18.28
N GLY B 52 14.89 7.15 17.60
CA GLY B 52 13.74 7.90 18.13
C GLY B 52 12.62 6.96 18.55
N SER B 53 12.54 6.65 19.84
CA SER B 53 11.49 5.77 20.40
C SER B 53 10.31 6.63 20.81
N VAL B 54 9.10 6.09 20.76
CA VAL B 54 7.94 6.79 21.40
C VAL B 54 8.01 6.47 22.89
N LYS B 55 7.99 7.47 23.75
CA LYS B 55 8.22 7.32 25.20
C LYS B 55 6.91 7.48 25.99
N GLY B 56 6.52 6.43 26.71
CA GLY B 56 5.40 6.51 27.67
C GLY B 56 4.05 6.27 27.01
N PHE B 57 4.01 5.65 25.85
CA PHE B 57 2.73 5.42 25.09
C PHE B 57 1.86 4.45 25.90
N ASN B 58 0.62 4.86 26.11
CA ASN B 58 -0.39 4.07 26.86
C ASN B 58 -1.52 3.72 25.89
N VAL B 59 -1.44 2.52 25.30
CA VAL B 59 -2.42 2.03 24.31
C VAL B 59 -3.80 1.91 24.98
N GLU B 60 -3.86 1.75 26.31
CA GLU B 60 -5.17 1.57 26.99
C GLU B 60 -5.95 2.88 27.06
N GLU B 61 -5.37 4.01 26.64
CA GLU B 61 -6.17 5.24 26.42
C GLU B 61 -7.08 5.07 25.19
N TYR B 62 -6.74 4.12 24.33
CA TYR B 62 -7.41 3.94 23.02
C TYR B 62 -8.16 2.61 22.93
N LEU B 63 -7.54 1.55 23.40
CA LEU B 63 -8.00 0.16 23.21
C LEU B 63 -8.05 -0.54 24.56
N SER B 64 -8.90 -1.55 24.67
CA SER B 64 -8.79 -2.51 25.80
C SER B 64 -7.45 -3.26 25.69
N ALA B 65 -6.89 -3.71 26.81
CA ALA B 65 -5.66 -4.54 26.81
C ALA B 65 -5.83 -5.70 25.83
N LYS B 66 -7.00 -6.30 25.82
CA LYS B 66 -7.25 -7.52 25.01
C LYS B 66 -7.21 -7.21 23.52
N GLU B 67 -7.82 -6.11 23.07
N GLU B 67 -7.88 -6.12 23.12
CA GLU B 67 -7.74 -5.74 21.63
CA GLU B 67 -7.83 -5.50 21.76
C GLU B 67 -6.32 -5.26 21.32
C GLU B 67 -6.37 -5.28 21.39
N ALA B 68 -5.64 -4.58 22.26
CA ALA B 68 -4.25 -4.13 22.04
C ALA B 68 -3.32 -5.33 21.84
N ARG B 69 -3.54 -6.44 22.56
CA ARG B 69 -2.68 -7.66 22.46
C ARG B 69 -2.69 -8.26 21.05
N LYS B 70 -3.71 -7.98 20.25
CA LYS B 70 -3.90 -8.58 18.91
C LYS B 70 -3.06 -7.80 17.89
N LEU B 71 -2.56 -6.61 18.24
CA LEU B 71 -2.03 -5.66 17.22
C LEU B 71 -0.54 -5.35 17.42
N ASP B 72 0.23 -5.37 16.35
CA ASP B 72 1.63 -4.85 16.36
C ASP B 72 1.62 -3.41 16.83
N LEU B 73 2.75 -2.98 17.40
CA LEU B 73 2.98 -1.59 17.81
C LEU B 73 2.70 -0.62 16.67
N PHE B 74 3.10 -0.91 15.42
CA PHE B 74 2.88 0.10 14.34
C PHE B 74 1.38 0.34 14.17
N ILE B 75 0.55 -0.69 14.38
CA ILE B 75 -0.93 -0.53 14.26
C ILE B 75 -1.46 0.26 15.45
N GLN B 76 -0.99 -0.06 16.65
CA GLN B 76 -1.38 0.69 17.86
C GLN B 76 -1.07 2.18 17.61
N TYR B 77 0.11 2.46 17.05
CA TYR B 77 0.57 3.87 16.92
C TYR B 77 -0.30 4.60 15.89
N GLY B 78 -0.59 3.92 14.79
CA GLY B 78 -1.44 4.48 13.73
C GLY B 78 -2.84 4.71 14.27
N LEU B 79 -3.38 3.80 15.08
CA LEU B 79 -4.73 3.99 15.65
C LEU B 79 -4.74 5.17 16.61
N ALA B 80 -3.72 5.29 17.48
CA ALA B 80 -3.60 6.44 18.40
C ALA B 80 -3.64 7.75 17.61
N ALA B 81 -2.82 7.90 16.56
CA ALA B 81 -2.77 9.16 15.79
C ALA B 81 -4.15 9.40 15.16
N SER B 82 -4.76 8.34 14.63
CA SER B 82 -6.06 8.41 13.91
C SER B 82 -7.16 8.82 14.87
N PHE B 83 -7.22 8.18 16.04
CA PHE B 83 -8.23 8.57 17.05
C PHE B 83 -8.02 10.04 17.48
N GLN B 84 -6.76 10.46 17.70
CA GLN B 84 -6.48 11.87 18.06
C GLN B 84 -7.02 12.80 16.98
N ALA B 85 -6.71 12.50 15.73
CA ALA B 85 -7.07 13.35 14.58
C ALA B 85 -8.59 13.48 14.50
N VAL B 86 -9.29 12.36 14.60
CA VAL B 86 -10.77 12.40 14.47
C VAL B 86 -11.35 13.20 15.63
N ARG B 87 -10.92 12.94 16.86
CA ARG B 87 -11.34 13.76 18.02
C ARG B 87 -11.04 15.24 17.76
N ASP B 88 -9.85 15.56 17.26
CA ASP B 88 -9.41 16.97 17.07
C ASP B 88 -10.33 17.66 16.04
N SER B 89 -10.87 16.90 15.10
CA SER B 89 -11.71 17.42 13.98
C SER B 89 -13.11 17.79 14.45
N GLY B 90 -13.58 17.15 15.51
CA GLY B 90 -14.97 17.36 15.99
C GLY B 90 -16.00 16.64 15.13
N LEU B 91 -15.59 15.86 14.12
CA LEU B 91 -16.53 15.21 13.19
C LEU B 91 -17.43 14.23 13.94
N GLU B 92 -18.72 14.28 13.61
CA GLU B 92 -19.74 13.35 14.11
C GLU B 92 -20.07 12.39 12.96
N VAL B 93 -19.75 11.12 13.12
CA VAL B 93 -20.11 10.08 12.14
C VAL B 93 -21.56 9.68 12.36
N THR B 94 -22.35 9.62 11.30
CA THR B 94 -23.79 9.29 11.32
C THR B 94 -24.14 8.31 10.20
N ASP B 95 -25.34 7.75 10.22
CA ASP B 95 -25.81 6.92 9.10
C ASP B 95 -25.85 7.78 7.82
N ALA B 96 -26.02 9.09 7.92
CA ALA B 96 -26.15 10.00 6.79
C ALA B 96 -24.80 10.23 6.13
N ASN B 97 -23.67 10.04 6.84
CA ASN B 97 -22.37 10.41 6.22
C ASN B 97 -21.38 9.25 6.26
N ARG B 98 -21.71 8.12 6.87
CA ARG B 98 -20.63 7.10 7.14
C ARG B 98 -20.10 6.52 5.82
N GLU B 99 -20.88 6.49 4.75
CA GLU B 99 -20.39 5.98 3.45
C GLU B 99 -19.47 6.99 2.76
N ARG B 100 -19.34 8.21 3.29
CA ARG B 100 -18.55 9.29 2.67
C ARG B 100 -17.26 9.54 3.47
N ILE B 101 -16.99 8.70 4.48
CA ILE B 101 -15.82 8.84 5.40
C ILE B 101 -14.97 7.60 5.27
N GLY B 102 -13.72 7.77 4.81
CA GLY B 102 -12.81 6.67 4.63
C GLY B 102 -11.50 6.88 5.33
N VAL B 103 -10.59 5.92 5.11
N VAL B 103 -10.54 6.00 5.05
CA VAL B 103 -9.27 5.84 5.80
CA VAL B 103 -9.25 5.97 5.78
C VAL B 103 -8.19 5.39 4.81
C VAL B 103 -8.17 5.35 4.91
N SER B 104 -7.01 6.01 4.89
CA SER B 104 -5.81 5.58 4.17
C SER B 104 -4.63 5.85 5.10
N MET B 105 -4.37 4.92 5.99
CA MET B 105 -3.21 4.94 6.89
C MET B 105 -2.24 3.84 6.44
N GLY B 106 -0.98 4.21 6.21
CA GLY B 106 -0.02 3.28 5.65
C GLY B 106 1.16 3.04 6.56
N SER B 107 2.06 2.21 6.09
CA SER B 107 3.35 1.94 6.77
C SER B 107 4.37 1.55 5.70
N GLY B 108 5.66 1.83 5.93
CA GLY B 108 6.70 1.44 4.99
C GLY B 108 7.13 0.01 5.21
N ILE B 109 7.27 -0.39 6.47
CA ILE B 109 7.84 -1.72 6.82
C ILE B 109 6.83 -2.57 7.59
N GLY B 110 5.86 -1.97 8.29
CA GLY B 110 4.81 -2.78 8.92
C GLY B 110 5.30 -3.58 10.12
N GLY B 111 4.86 -4.83 10.27
CA GLY B 111 4.86 -5.49 11.59
C GLY B 111 6.13 -6.26 11.94
N LEU B 112 7.28 -5.62 11.87
CA LEU B 112 8.58 -6.32 12.14
C LEU B 112 8.67 -6.89 13.55
N THR B 113 8.26 -6.14 14.56
CA THR B 113 8.29 -6.53 16.00
C THR B 113 7.50 -7.84 16.15
N ASN B 114 6.26 -7.85 15.66
N ASN B 114 6.29 -7.88 15.61
CA ASN B 114 5.37 -9.06 15.70
CA ASN B 114 5.40 -9.07 15.73
C ASN B 114 6.03 -10.21 14.94
C ASN B 114 5.98 -10.23 14.91
N ILE B 115 6.52 -9.97 13.72
CA ILE B 115 7.20 -11.01 12.90
C ILE B 115 8.34 -11.62 13.70
N GLU B 116 9.12 -10.76 14.34
CA GLU B 116 10.30 -11.12 15.16
C GLU B 116 9.88 -12.00 16.32
N ASN B 117 8.87 -11.58 17.09
CA ASN B 117 8.38 -12.33 18.27
C ASN B 117 7.76 -13.66 17.83
N ASN B 118 7.07 -13.70 16.67
CA ASN B 118 6.42 -14.95 16.17
C ASN B 118 7.46 -15.87 15.54
N CYS B 119 8.55 -15.31 14.97
CA CYS B 119 9.74 -16.11 14.57
C CYS B 119 10.32 -16.85 15.77
N ARG B 120 10.48 -16.14 16.90
CA ARG B 120 10.98 -16.72 18.17
C ARG B 120 10.12 -17.96 18.50
N SER B 121 8.80 -17.82 18.59
CA SER B 121 7.87 -18.94 18.82
C SER B 121 8.08 -20.06 17.78
N LEU B 122 8.12 -19.74 16.49
CA LEU B 122 8.13 -20.75 15.39
C LEU B 122 9.40 -21.61 15.46
N PHE B 123 10.55 -20.97 15.66
CA PHE B 123 11.89 -21.62 15.60
C PHE B 123 12.09 -22.52 16.81
N GLU B 124 11.67 -22.03 17.97
CA GLU B 124 11.92 -22.73 19.25
C GLU B 124 10.95 -23.89 19.41
N GLN B 125 9.65 -23.63 19.19
N GLN B 125 9.64 -23.66 19.21
CA GLN B 125 8.51 -24.48 19.62
CA GLN B 125 8.59 -24.67 19.55
C GLN B 125 7.68 -25.02 18.43
C GLN B 125 7.53 -24.80 18.47
N GLY B 126 7.84 -24.47 17.21
CA GLY B 126 7.05 -24.87 16.03
C GLY B 126 5.79 -24.04 15.77
N PRO B 127 5.07 -24.29 14.67
CA PRO B 127 3.99 -23.41 14.20
C PRO B 127 2.77 -23.36 15.12
N ARG B 128 2.57 -24.36 15.98
CA ARG B 128 1.33 -24.42 16.79
C ARG B 128 1.40 -23.34 17.89
N ARG B 129 2.54 -22.67 18.08
CA ARG B 129 2.66 -21.54 19.05
C ARG B 129 2.45 -20.19 18.36
N ILE B 130 2.39 -20.14 17.02
CA ILE B 130 2.11 -18.85 16.31
C ILE B 130 0.74 -18.33 16.75
N SER B 131 0.64 -17.04 17.08
CA SER B 131 -0.64 -16.42 17.49
C SER B 131 -1.69 -16.52 16.38
N PRO B 132 -2.96 -16.83 16.71
CA PRO B 132 -4.07 -16.79 15.77
C PRO B 132 -4.29 -15.42 15.10
N PHE B 133 -3.88 -14.36 15.79
CA PHE B 133 -4.02 -12.97 15.30
C PHE B 133 -2.74 -12.55 14.61
N PHE B 134 -1.79 -13.46 14.40
CA PHE B 134 -0.51 -13.10 13.75
C PHE B 134 -0.77 -12.31 12.46
N VAL B 135 -1.58 -12.83 11.53
CA VAL B 135 -1.74 -12.17 10.22
C VAL B 135 -2.51 -10.86 10.39
N PRO B 136 -3.77 -10.84 10.90
CA PRO B 136 -4.55 -9.61 10.90
C PRO B 136 -3.88 -8.57 11.80
N GLY B 137 -3.14 -9.02 12.80
CA GLY B 137 -2.47 -8.09 13.75
C GLY B 137 -1.13 -7.59 13.22
N SER B 138 -0.69 -8.00 12.02
CA SER B 138 0.65 -7.61 11.50
C SER B 138 0.53 -6.92 10.15
N ILE B 139 -0.58 -7.07 9.43
CA ILE B 139 -0.66 -6.58 8.01
C ILE B 139 -0.94 -5.07 8.04
N ILE B 140 -0.44 -4.40 7.03
CA ILE B 140 -0.32 -2.91 7.05
C ILE B 140 -1.71 -2.28 6.97
N ASN B 141 -2.69 -2.96 6.34
CA ASN B 141 -4.03 -2.34 6.12
C ASN B 141 -4.86 -2.39 7.39
N MET B 142 -4.34 -2.90 8.51
CA MET B 142 -5.20 -3.08 9.70
C MET B 142 -5.36 -1.78 10.49
N VAL B 143 -4.55 -0.74 10.29
CA VAL B 143 -4.90 0.56 10.91
C VAL B 143 -6.20 1.04 10.26
N SER B 144 -6.24 1.08 8.93
CA SER B 144 -7.46 1.48 8.18
C SER B 144 -8.60 0.54 8.58
N GLY B 145 -8.32 -0.76 8.62
CA GLY B 145 -9.32 -1.77 8.98
C GLY B 145 -9.88 -1.52 10.36
N PHE B 146 -9.03 -1.45 11.39
CA PHE B 146 -9.52 -1.37 12.79
C PHE B 146 -10.20 -0.01 12.99
N LEU B 147 -9.65 1.05 12.38
CA LEU B 147 -10.24 2.39 12.55
C LEU B 147 -11.65 2.39 11.96
N SER B 148 -11.81 1.87 10.74
N SER B 148 -11.79 1.85 10.73
CA SER B 148 -13.15 1.86 10.08
CA SER B 148 -13.08 1.74 9.99
C SER B 148 -14.13 1.07 10.96
C SER B 148 -14.11 1.02 10.87
N ILE B 149 -13.71 -0.07 11.51
CA ILE B 149 -14.62 -0.92 12.34
C ILE B 149 -14.96 -0.14 13.60
N HIS B 150 -13.97 0.46 14.25
CA HIS B 150 -14.20 1.14 15.54
C HIS B 150 -15.17 2.32 15.36
N LEU B 151 -15.02 3.10 14.29
CA LEU B 151 -15.76 4.37 14.11
C LEU B 151 -16.92 4.20 13.13
N GLY B 152 -17.11 3.03 12.52
CA GLY B 152 -18.21 2.78 11.57
C GLY B 152 -18.00 3.49 10.25
N LEU B 153 -16.76 3.58 9.78
CA LEU B 153 -16.47 4.29 8.52
C LEU B 153 -16.62 3.33 7.35
N GLN B 154 -17.43 3.73 6.37
CA GLN B 154 -17.79 2.82 5.26
C GLN B 154 -17.27 3.36 3.93
N GLY B 155 -16.58 4.51 3.93
CA GLY B 155 -15.94 5.12 2.75
C GLY B 155 -14.72 4.31 2.28
N PRO B 156 -13.98 4.85 1.29
CA PRO B 156 -12.79 4.17 0.76
C PRO B 156 -11.87 3.77 1.90
N ASN B 157 -11.47 2.49 1.90
N ASN B 157 -11.44 2.51 1.88
CA ASN B 157 -10.66 1.86 2.96
CA ASN B 157 -10.67 1.86 2.97
C ASN B 157 -9.46 1.18 2.29
C ASN B 157 -9.46 1.16 2.34
N TYR B 158 -8.28 1.76 2.48
CA TYR B 158 -7.05 1.23 1.83
C TYR B 158 -5.84 1.67 2.61
N ALA B 159 -4.70 1.19 2.14
CA ALA B 159 -3.40 1.47 2.77
C ALA B 159 -2.33 1.48 1.69
N LEU B 160 -1.51 2.53 1.73
CA LEU B 160 -0.31 2.65 0.88
C LEU B 160 0.89 2.06 1.62
N THR B 161 1.85 1.56 0.87
CA THR B 161 3.18 1.20 1.39
C THR B 161 4.18 1.61 0.31
N THR B 162 4.74 2.80 0.47
CA THR B 162 5.76 3.33 -0.44
C THR B 162 6.98 3.73 0.37
N ALA B 163 7.43 2.79 1.21
CA ALA B 163 8.65 2.98 2.02
C ALA B 163 8.63 4.35 2.71
N GLN B 164 9.67 5.15 2.54
CA GLN B 164 9.80 6.43 3.28
C GLN B 164 8.88 7.53 2.72
N THR B 165 8.12 7.24 1.67
CA THR B 165 7.20 8.19 0.99
C THR B 165 5.76 7.91 1.44
N THR B 166 5.54 6.86 2.24
CA THR B 166 4.18 6.38 2.54
C THR B 166 3.26 7.49 3.05
N GLY B 167 3.66 8.21 4.09
CA GLY B 167 2.77 9.18 4.75
C GLY B 167 2.36 10.29 3.80
N THR B 168 3.30 10.74 2.97
CA THR B 168 3.04 11.80 1.96
C THR B 168 2.05 11.27 0.91
N HIS B 169 2.29 10.10 0.35
CA HIS B 169 1.39 9.54 -0.69
C HIS B 169 0.02 9.26 -0.08
N SER B 170 -0.02 8.77 1.15
CA SER B 170 -1.31 8.45 1.84
C SER B 170 -2.17 9.71 1.90
N ILE B 171 -1.59 10.80 2.33
CA ILE B 171 -2.34 12.06 2.46
C ILE B 171 -2.71 12.58 1.07
N GLY B 172 -1.79 12.57 0.12
CA GLY B 172 -2.10 13.09 -1.22
C GLY B 172 -3.22 12.34 -1.91
N MET B 173 -3.19 11.01 -1.86
N MET B 173 -3.19 11.00 -1.86
CA MET B 173 -4.20 10.18 -2.56
CA MET B 173 -4.20 10.18 -2.54
C MET B 173 -5.55 10.24 -1.82
C MET B 173 -5.55 10.32 -1.84
N ALA B 174 -5.55 10.46 -0.51
CA ALA B 174 -6.79 10.70 0.27
C ALA B 174 -7.38 12.05 -0.18
N ALA B 175 -6.55 13.06 -0.39
CA ALA B 175 -6.98 14.41 -0.86
C ALA B 175 -7.62 14.28 -2.24
N ARG B 176 -7.02 13.46 -3.10
CA ARG B 176 -7.60 13.19 -4.44
C ARG B 176 -8.98 12.54 -4.28
N ASN B 177 -9.12 11.58 -3.39
CA ASN B 177 -10.42 10.90 -3.19
C ASN B 177 -11.49 11.96 -2.91
N ILE B 178 -11.16 12.95 -2.10
CA ILE B 178 -12.16 13.98 -1.73
C ILE B 178 -12.34 14.94 -2.91
N ALA B 179 -11.23 15.34 -3.53
CA ALA B 179 -11.26 16.35 -4.63
C ALA B 179 -12.18 15.85 -5.74
N TYR B 180 -12.14 14.54 -6.00
CA TYR B 180 -12.83 13.92 -7.15
C TYR B 180 -14.17 13.32 -6.72
N GLY B 181 -14.60 13.56 -5.47
CA GLY B 181 -15.99 13.27 -5.05
C GLY B 181 -16.18 11.82 -4.61
N GLU B 182 -15.11 11.07 -4.37
CA GLU B 182 -15.18 9.63 -3.98
C GLU B 182 -15.40 9.55 -2.47
N ALA B 183 -15.14 10.64 -1.74
CA ALA B 183 -15.33 10.76 -0.28
C ALA B 183 -15.49 12.23 0.11
N ASP B 184 -16.10 12.49 1.25
CA ASP B 184 -16.13 13.87 1.77
C ASP B 184 -15.11 14.05 2.88
N VAL B 185 -14.74 12.99 3.57
CA VAL B 185 -13.73 13.02 4.67
C VAL B 185 -12.83 11.78 4.51
N MET B 186 -11.53 11.96 4.74
CA MET B 186 -10.58 10.84 4.84
C MET B 186 -9.67 11.05 6.04
N VAL B 187 -9.36 9.96 6.73
CA VAL B 187 -8.31 9.99 7.77
C VAL B 187 -7.06 9.42 7.10
N ALA B 188 -5.95 10.12 7.06
CA ALA B 188 -4.81 9.71 6.22
C ALA B 188 -3.49 10.01 6.91
N GLY B 189 -2.49 9.21 6.58
CA GLY B 189 -1.20 9.33 7.26
C GLY B 189 -0.46 8.02 7.28
N GLY B 190 0.31 7.78 8.34
CA GLY B 190 1.17 6.60 8.39
C GLY B 190 1.68 6.34 9.78
N SER B 191 2.25 5.16 9.98
CA SER B 191 2.81 4.76 11.27
C SER B 191 3.92 3.76 11.04
N GLU B 192 4.80 3.68 12.00
CA GLU B 192 5.99 2.84 11.85
C GLU B 192 6.53 2.53 13.24
N MET B 193 6.96 1.28 13.41
N MET B 193 7.04 1.30 13.38
CA MET B 193 7.77 0.81 14.56
CA MET B 193 7.75 0.80 14.58
C MET B 193 8.71 -0.28 14.04
C MET B 193 8.75 -0.27 14.14
N ALA B 194 9.87 0.15 13.56
CA ALA B 194 10.88 -0.74 12.96
C ALA B 194 12.14 -0.81 13.84
N ALA B 195 12.11 -0.42 15.12
CA ALA B 195 13.24 -0.67 16.07
C ALA B 195 13.14 -2.09 16.60
N CYS B 196 13.28 -3.08 15.75
CA CYS B 196 13.57 -4.46 16.19
C CYS B 196 14.99 -4.71 15.69
N GLY B 197 15.54 -5.87 16.05
CA GLY B 197 16.81 -6.34 15.49
C GLY B 197 16.74 -6.26 13.98
N LEU B 198 15.60 -6.64 13.39
CA LEU B 198 15.47 -6.70 11.92
C LEU B 198 15.57 -5.29 11.33
N GLY B 199 15.01 -4.27 11.99
CA GLY B 199 15.02 -2.88 11.49
C GLY B 199 16.41 -2.28 11.59
N LEU B 200 16.94 -2.25 12.80
CA LEU B 200 18.30 -1.72 13.07
C LEU B 200 19.33 -2.61 12.35
N GLY B 201 19.14 -3.94 12.36
CA GLY B 201 20.05 -4.86 11.68
C GLY B 201 19.96 -4.74 10.17
N GLY B 202 18.74 -4.56 9.64
CA GLY B 202 18.51 -4.46 8.20
C GLY B 202 19.13 -3.20 7.61
N PHE B 203 18.82 -2.05 8.20
CA PHE B 203 19.39 -0.75 7.72
C PHE B 203 20.89 -0.73 8.02
N GLY B 204 21.28 -1.37 9.13
CA GLY B 204 22.68 -1.48 9.57
C GLY B 204 23.48 -2.29 8.57
N ALA B 205 22.92 -3.40 8.07
CA ALA B 205 23.56 -4.25 7.05
C ALA B 205 23.80 -3.46 5.75
N ALA B 206 22.97 -2.46 5.47
CA ALA B 206 23.08 -1.57 4.28
C ALA B 206 24.02 -0.38 4.57
N ARG B 207 24.47 -0.23 5.81
CA ARG B 207 25.33 0.88 6.31
C ARG B 207 24.63 2.21 6.09
N ALA B 208 23.30 2.22 6.19
CA ALA B 208 22.47 3.40 5.86
C ALA B 208 22.34 4.29 7.10
N LEU B 209 22.52 3.72 8.30
CA LEU B 209 22.28 4.44 9.58
C LEU B 209 23.53 5.19 10.03
N SER B 210 23.34 6.35 10.66
CA SER B 210 24.36 6.96 11.54
C SER B 210 24.83 5.91 12.55
N THR B 211 26.14 5.89 12.83
CA THR B 211 26.75 5.07 13.90
C THR B 211 27.35 5.94 15.01
N ARG B 212 26.84 7.17 15.20
CA ARG B 212 27.31 8.15 16.22
C ARG B 212 26.70 7.78 17.59
N ASN B 213 27.01 6.55 18.04
CA ASN B 213 26.53 5.95 19.31
C ASN B 213 26.88 6.87 20.45
N ASP B 214 28.06 7.52 20.40
CA ASP B 214 28.56 8.35 21.52
C ASP B 214 27.71 9.61 21.70
N GLU B 215 27.09 10.16 20.64
CA GLU B 215 26.30 11.41 20.76
C GLU B 215 25.03 11.30 19.90
N PRO B 216 24.06 10.48 20.36
CA PRO B 216 22.87 10.19 19.57
C PRO B 216 22.07 11.43 19.16
N THR B 217 22.02 12.45 20.01
CA THR B 217 21.24 13.69 19.72
C THR B 217 21.92 14.50 18.61
N ARG B 218 23.20 14.23 18.31
CA ARG B 218 23.96 14.95 17.24
C ARG B 218 24.02 14.12 15.98
N ALA B 219 23.47 12.91 15.99
CA ALA B 219 23.62 11.95 14.89
C ALA B 219 22.88 12.49 13.66
N SER B 220 21.63 12.97 13.83
CA SER B 220 20.80 13.47 12.69
C SER B 220 21.18 14.91 12.42
N ARG B 221 21.93 15.14 11.34
CA ARG B 221 22.55 16.46 11.08
C ARG B 221 22.43 16.77 9.58
N PRO B 222 21.19 16.93 9.06
CA PRO B 222 20.98 17.12 7.64
C PRO B 222 21.79 18.30 7.08
N TRP B 223 22.48 18.04 5.98
CA TRP B 223 23.29 19.02 5.20
C TRP B 223 24.61 19.34 5.91
N ASP B 224 24.86 18.78 7.09
CA ASP B 224 26.12 19.03 7.85
C ASP B 224 27.19 18.14 7.25
N ARG B 225 28.44 18.64 7.17
CA ARG B 225 29.52 17.94 6.44
C ARG B 225 29.89 16.62 7.14
N ASP B 226 29.52 16.46 8.41
CA ASP B 226 29.92 15.29 9.24
C ASP B 226 28.77 14.29 9.40
N ARG B 227 27.70 14.45 8.64
CA ARG B 227 26.57 13.47 8.63
C ARG B 227 27.07 12.12 8.12
N ASP B 228 26.46 11.05 8.62
CA ASP B 228 26.92 9.65 8.35
C ASP B 228 25.71 8.72 8.29
N GLY B 229 24.54 9.24 7.92
CA GLY B 229 23.38 8.41 7.59
C GLY B 229 22.19 8.79 8.43
N PHE B 230 21.07 8.12 8.24
CA PHE B 230 19.83 8.52 8.97
C PHE B 230 19.75 7.84 10.32
N VAL B 231 18.79 8.34 11.09
CA VAL B 231 18.45 7.87 12.44
C VAL B 231 17.04 7.26 12.36
N LEU B 232 16.90 6.03 12.85
CA LEU B 232 15.64 5.27 12.74
C LEU B 232 14.72 5.71 13.88
N SER B 233 13.48 6.07 13.56
CA SER B 233 12.53 6.59 14.55
C SER B 233 11.16 5.95 14.32
N ASP B 234 10.39 5.97 15.40
CA ASP B 234 9.06 5.35 15.50
C ASP B 234 7.99 6.42 15.67
N GLY B 235 6.74 6.06 15.33
CA GLY B 235 5.57 6.90 15.66
C GLY B 235 4.56 6.92 14.54
N SER B 236 3.76 7.96 14.47
CA SER B 236 2.57 7.98 13.60
C SER B 236 2.11 9.43 13.41
N GLY B 237 1.50 9.70 12.26
CA GLY B 237 0.81 10.97 12.03
C GLY B 237 -0.48 10.69 11.32
N ALA B 238 -1.55 11.39 11.67
CA ALA B 238 -2.84 11.24 11.00
C ALA B 238 -3.44 12.63 10.84
N LEU B 239 -4.03 12.87 9.68
CA LEU B 239 -4.79 14.11 9.42
C LEU B 239 -6.20 13.75 9.04
N VAL B 240 -7.13 14.58 9.49
CA VAL B 240 -8.50 14.56 8.94
C VAL B 240 -8.56 15.55 7.77
N LEU B 241 -8.72 15.00 6.57
CA LEU B 241 -8.92 15.76 5.31
C LEU B 241 -10.41 15.84 5.07
N GLU B 242 -10.87 16.98 4.56
CA GLU B 242 -12.31 17.23 4.52
C GLU B 242 -12.59 18.19 3.37
N GLU B 243 -13.65 17.90 2.64
CA GLU B 243 -14.13 18.81 1.58
C GLU B 243 -14.47 20.15 2.22
N LEU B 244 -14.12 21.23 1.54
CA LEU B 244 -14.22 22.60 2.13
C LEU B 244 -15.66 22.92 2.51
N GLU B 245 -16.64 22.75 1.62
CA GLU B 245 -18.04 23.12 1.94
C GLU B 245 -18.55 22.25 3.10
N HIS B 246 -18.15 20.98 3.15
CA HIS B 246 -18.51 20.06 4.25
C HIS B 246 -17.97 20.61 5.58
N ALA B 247 -16.73 21.05 5.61
CA ALA B 247 -16.04 21.60 6.81
C ALA B 247 -16.75 22.91 7.23
N ARG B 248 -17.06 23.78 6.27
CA ARG B 248 -17.74 25.08 6.57
C ARG B 248 -19.15 24.84 7.10
N ALA B 249 -19.89 23.90 6.55
CA ALA B 249 -21.31 23.68 6.90
C ALA B 249 -21.43 23.29 8.38
N ARG B 250 -20.46 22.56 8.93
CA ARG B 250 -20.56 22.09 10.33
C ARG B 250 -19.76 23.01 11.27
N GLY B 251 -19.16 24.08 10.75
CA GLY B 251 -18.38 25.04 11.53
C GLY B 251 -17.04 24.47 12.00
N ALA B 252 -16.40 23.63 11.19
CA ALA B 252 -15.10 23.03 11.54
C ALA B 252 -14.03 24.13 11.68
N ARG B 253 -13.09 23.91 12.58
CA ARG B 253 -11.85 24.70 12.65
C ARG B 253 -10.95 24.17 11.55
N ILE B 254 -10.56 25.04 10.63
CA ILE B 254 -9.70 24.68 9.49
C ILE B 254 -8.26 25.12 9.76
N TYR B 255 -7.32 24.17 9.79
CA TYR B 255 -5.90 24.53 10.01
C TYR B 255 -5.30 25.17 8.75
N ALA B 256 -5.58 24.61 7.58
CA ALA B 256 -4.86 24.94 6.33
C ALA B 256 -5.57 24.22 5.20
N GLU B 257 -5.27 24.63 3.99
CA GLU B 257 -5.80 23.98 2.76
C GLU B 257 -4.70 23.16 2.10
N LEU B 258 -5.08 21.98 1.63
CA LEU B 258 -4.17 21.12 0.85
C LEU B 258 -4.47 21.41 -0.62
N VAL B 259 -3.57 22.13 -1.29
CA VAL B 259 -3.82 22.68 -2.65
C VAL B 259 -3.12 21.88 -3.75
N GLY B 260 -2.08 21.09 -3.42
CA GLY B 260 -1.27 20.41 -4.43
C GLY B 260 -0.74 19.09 -3.92
N PHE B 261 -0.54 18.18 -4.85
CA PHE B 261 0.08 16.87 -4.62
C PHE B 261 0.81 16.48 -5.90
N GLY B 262 2.05 16.10 -5.73
CA GLY B 262 2.91 15.57 -6.77
C GLY B 262 3.45 14.22 -6.38
N MET B 263 3.61 13.41 -7.41
CA MET B 263 4.23 12.08 -7.38
C MET B 263 5.17 12.06 -8.60
N SER B 264 6.27 11.41 -8.44
CA SER B 264 7.16 11.08 -9.56
C SER B 264 7.95 9.88 -9.14
N GLY B 265 8.44 9.13 -10.12
CA GLY B 265 9.49 8.13 -9.91
C GLY B 265 10.82 8.62 -10.47
N ASP B 266 11.89 8.52 -9.71
CA ASP B 266 13.29 8.79 -10.15
C ASP B 266 13.63 7.84 -11.33
N ALA B 267 13.14 6.60 -11.28
CA ALA B 267 13.62 5.47 -12.13
C ALA B 267 15.16 5.43 -12.14
N PHE B 268 15.81 5.65 -10.99
CA PHE B 268 17.29 5.79 -10.93
C PHE B 268 17.95 4.59 -10.25
N HIS B 269 17.67 4.37 -8.96
CA HIS B 269 18.38 3.37 -8.12
C HIS B 269 17.46 2.87 -7.02
N MET B 270 17.69 1.66 -6.50
CA MET B 270 16.78 0.98 -5.55
C MET B 270 16.74 1.76 -4.25
N THR B 271 17.87 2.33 -3.83
CA THR B 271 18.01 2.98 -2.51
C THR B 271 18.57 4.40 -2.62
N ALA B 272 19.30 4.78 -3.67
CA ALA B 272 20.00 6.10 -3.77
C ALA B 272 19.23 7.05 -4.67
N PRO B 273 19.12 8.35 -4.33
CA PRO B 273 18.52 9.32 -5.23
C PRO B 273 19.56 9.81 -6.22
N PRO B 274 19.17 10.31 -7.41
CA PRO B 274 20.15 10.90 -8.32
C PRO B 274 20.76 12.16 -7.71
N GLU B 275 22.07 12.39 -7.90
CA GLU B 275 22.81 13.46 -7.19
C GLU B 275 22.21 14.83 -7.53
N ASP B 276 21.62 14.98 -8.71
CA ASP B 276 21.05 16.27 -9.20
C ASP B 276 19.59 16.42 -8.74
N GLY B 277 19.03 15.38 -8.11
CA GLY B 277 17.65 15.39 -7.58
C GLY B 277 16.63 15.65 -8.66
N ALA B 278 16.87 15.15 -9.89
CA ALA B 278 15.95 15.31 -11.03
C ALA B 278 14.53 14.86 -10.64
N GLY B 279 14.43 13.74 -9.94
CA GLY B 279 13.13 13.14 -9.58
C GLY B 279 12.38 14.02 -8.59
N ALA B 280 13.09 14.50 -7.58
CA ALA B 280 12.50 15.41 -6.56
C ALA B 280 12.07 16.72 -7.25
N ALA B 281 12.85 17.21 -8.23
CA ALA B 281 12.49 18.46 -8.95
C ALA B 281 11.21 18.23 -9.75
N ARG B 282 11.10 17.10 -10.46
CA ARG B 282 9.88 16.78 -11.25
C ARG B 282 8.67 16.74 -10.33
N CYS B 283 8.84 16.10 -9.18
CA CYS B 283 7.74 15.86 -8.24
C CYS B 283 7.25 17.21 -7.66
N MET B 284 8.18 18.07 -7.25
CA MET B 284 7.81 19.42 -6.73
C MET B 284 7.14 20.26 -7.83
N LYS B 285 7.66 20.26 -9.06
CA LYS B 285 7.01 20.96 -10.20
C LYS B 285 5.61 20.39 -10.44
N ASN B 286 5.44 19.06 -10.38
CA ASN B 286 4.12 18.43 -10.54
C ASN B 286 3.18 18.95 -9.45
N ALA B 287 3.63 19.05 -8.20
CA ALA B 287 2.78 19.48 -7.08
C ALA B 287 2.39 20.96 -7.26
N LEU B 288 3.32 21.79 -7.65
CA LEU B 288 3.05 23.24 -7.84
C LEU B 288 2.10 23.43 -9.01
N ARG B 289 2.29 22.69 -10.12
CA ARG B 289 1.35 22.71 -11.25
C ARG B 289 -0.04 22.28 -10.77
N ASP B 290 -0.11 21.21 -9.97
CA ASP B 290 -1.39 20.70 -9.46
C ASP B 290 -2.10 21.81 -8.64
N ALA B 291 -1.35 22.65 -7.94
CA ALA B 291 -1.85 23.73 -7.07
C ALA B 291 -2.10 25.03 -7.87
N GLY B 292 -1.69 25.08 -9.13
CA GLY B 292 -1.74 26.32 -9.93
C GLY B 292 -0.87 27.42 -9.32
N LEU B 293 0.25 27.08 -8.72
CA LEU B 293 1.16 28.04 -8.07
C LEU B 293 2.49 28.10 -8.80
N ASP B 294 3.08 29.30 -8.85
N ASP B 294 3.09 29.29 -8.85
CA ASP B 294 4.45 29.55 -9.35
CA ASP B 294 4.47 29.49 -9.37
C ASP B 294 5.44 29.14 -8.25
C ASP B 294 5.44 29.14 -8.25
N PRO B 295 6.63 28.58 -8.58
CA PRO B 295 7.66 28.32 -7.58
C PRO B 295 7.88 29.52 -6.63
N ARG B 296 7.78 30.73 -7.18
CA ARG B 296 8.03 31.97 -6.42
C ARG B 296 7.10 32.14 -5.23
N GLN B 297 5.92 31.51 -5.24
CA GLN B 297 4.91 31.65 -4.15
C GLN B 297 5.27 30.75 -2.96
N VAL B 298 6.24 29.85 -3.07
CA VAL B 298 6.59 28.92 -1.96
C VAL B 298 7.41 29.68 -0.92
N ASP B 299 7.03 29.53 0.34
CA ASP B 299 7.67 30.25 1.48
C ASP B 299 8.48 29.28 2.34
N TYR B 300 7.99 28.06 2.52
CA TYR B 300 8.58 27.11 3.50
C TYR B 300 8.55 25.70 2.92
N ILE B 301 9.65 25.02 3.02
CA ILE B 301 9.77 23.61 2.62
C ILE B 301 10.20 22.80 3.83
N ASN B 302 9.39 21.81 4.18
CA ASN B 302 9.83 20.76 5.10
C ASN B 302 10.49 19.68 4.25
N ALA B 303 11.82 19.66 4.22
CA ALA B 303 12.67 18.77 3.42
C ALA B 303 12.40 17.33 3.82
N HIS B 304 12.73 16.39 2.97
CA HIS B 304 12.91 14.98 3.40
C HIS B 304 14.11 14.95 4.36
N GLY B 305 15.25 15.53 3.95
CA GLY B 305 16.41 15.84 4.81
C GLY B 305 16.74 14.73 5.79
N THR B 306 17.09 13.56 5.28
CA THR B 306 17.32 12.31 6.09
C THR B 306 18.69 12.27 6.78
N SER B 307 19.65 13.16 6.45
CA SER B 307 21.04 13.11 6.98
C SER B 307 21.86 12.00 6.29
N THR B 308 21.49 11.58 5.08
CA THR B 308 22.37 10.71 4.26
C THR B 308 23.19 11.62 3.38
N PRO B 309 24.45 11.28 3.08
CA PRO B 309 25.25 12.10 2.16
C PRO B 309 24.52 12.46 0.86
N ALA B 310 24.08 11.47 0.08
CA ALA B 310 23.55 11.72 -1.28
C ALA B 310 22.16 12.38 -1.22
N GLY B 311 21.29 11.95 -0.31
CA GLY B 311 19.91 12.45 -0.22
C GLY B 311 19.85 13.95 0.03
N ASP B 312 20.62 14.41 1.01
CA ASP B 312 20.57 15.81 1.45
C ASP B 312 21.02 16.70 0.29
N ILE B 313 22.12 16.33 -0.37
CA ILE B 313 22.67 17.13 -1.51
C ILE B 313 21.72 17.09 -2.73
N ALA B 314 21.08 15.94 -3.02
CA ALA B 314 20.05 15.84 -4.08
C ALA B 314 18.93 16.87 -3.86
N GLU B 315 18.51 17.06 -2.60
N GLU B 315 18.54 17.06 -2.60
CA GLU B 315 17.39 17.98 -2.28
CA GLU B 315 17.41 17.95 -2.24
C GLU B 315 17.81 19.45 -2.49
C GLU B 315 17.80 19.42 -2.45
N ILE B 316 19.05 19.81 -2.14
CA ILE B 316 19.57 21.18 -2.42
C ILE B 316 19.49 21.39 -3.94
N ALA B 317 20.02 20.46 -4.72
CA ALA B 317 20.06 20.57 -6.21
C ALA B 317 18.64 20.70 -6.75
N ALA B 318 17.71 19.87 -6.24
CA ALA B 318 16.31 19.91 -6.68
C ALA B 318 15.72 21.30 -6.39
N VAL B 319 15.90 21.84 -5.18
CA VAL B 319 15.29 23.13 -4.79
C VAL B 319 15.89 24.26 -5.66
N LYS B 320 17.19 24.23 -5.91
CA LYS B 320 17.85 25.28 -6.75
C LYS B 320 17.27 25.20 -8.16
N SER B 321 17.11 23.99 -8.69
CA SER B 321 16.56 23.76 -10.04
C SER B 321 15.13 24.28 -10.14
N VAL B 322 14.26 23.92 -9.19
CA VAL B 322 12.83 24.28 -9.26
C VAL B 322 12.64 25.79 -9.02
N PHE B 323 13.39 26.37 -8.10
CA PHE B 323 13.04 27.70 -7.52
C PHE B 323 13.93 28.82 -8.06
N GLY B 324 15.07 28.50 -8.68
CA GLY B 324 15.95 29.48 -9.34
C GLY B 324 16.26 30.65 -8.42
N GLU B 325 15.88 31.87 -8.83
CA GLU B 325 16.21 33.11 -8.08
C GLU B 325 15.35 33.24 -6.83
N HIS B 326 14.40 32.33 -6.58
CA HIS B 326 13.62 32.33 -5.31
C HIS B 326 14.20 31.30 -4.32
N ALA B 327 15.15 30.48 -4.73
CA ALA B 327 15.64 29.34 -3.93
C ALA B 327 16.17 29.78 -2.55
N HIS B 328 16.75 30.98 -2.45
CA HIS B 328 17.33 31.52 -1.18
C HIS B 328 16.30 32.24 -0.32
N ALA B 329 15.17 32.64 -0.89
CA ALA B 329 14.14 33.47 -0.24
C ALA B 329 13.25 32.56 0.63
N LEU B 330 12.90 31.39 0.11
CA LEU B 330 12.19 30.37 0.94
C LEU B 330 13.12 29.90 2.07
N SER B 331 12.52 29.36 3.12
CA SER B 331 13.21 28.67 4.21
C SER B 331 12.95 27.17 4.01
N MET B 332 13.97 26.36 4.17
CA MET B 332 13.82 24.88 4.08
C MET B 332 14.46 24.29 5.32
N SER B 333 13.76 23.39 6.01
CA SER B 333 14.38 22.75 7.18
C SER B 333 14.04 21.26 7.20
N SER B 334 14.89 20.51 7.85
CA SER B 334 14.64 19.08 8.15
C SER B 334 14.31 18.95 9.61
N THR B 335 13.06 18.64 9.91
CA THR B 335 12.65 18.31 11.28
C THR B 335 13.20 16.94 11.67
N LYS B 336 13.69 16.14 10.71
CA LYS B 336 14.37 14.86 11.04
C LYS B 336 15.63 15.13 11.88
N SER B 337 16.15 16.36 11.86
CA SER B 337 17.29 16.77 12.74
C SER B 337 16.94 16.53 14.21
N MET B 338 15.66 16.56 14.55
CA MET B 338 15.10 16.42 15.91
C MET B 338 14.38 15.07 16.07
N THR B 339 13.57 14.66 15.10
CA THR B 339 12.66 13.47 15.26
C THR B 339 13.36 12.19 14.80
N GLY B 340 14.43 12.30 14.01
CA GLY B 340 14.92 11.20 13.17
C GLY B 340 13.90 10.86 12.10
N HIS B 341 14.09 9.71 11.50
CA HIS B 341 13.43 9.31 10.25
C HIS B 341 12.36 8.30 10.64
N LEU B 342 11.09 8.70 10.63
CA LEU B 342 9.95 7.82 10.95
C LEU B 342 9.53 6.95 9.74
N LEU B 343 10.33 6.91 8.67
CA LEU B 343 10.10 6.04 7.49
C LEU B 343 8.68 6.31 6.97
N GLY B 344 7.77 5.32 6.96
CA GLY B 344 6.45 5.55 6.38
C GLY B 344 5.63 6.59 7.12
N ALA B 345 5.95 6.91 8.37
CA ALA B 345 5.25 7.93 9.14
C ALA B 345 5.92 9.30 8.95
N ALA B 346 7.13 9.36 8.39
CA ALA B 346 7.82 10.67 8.24
C ALA B 346 6.93 11.69 7.54
N GLY B 347 6.39 11.31 6.40
CA GLY B 347 5.58 12.24 5.59
C GLY B 347 4.36 12.72 6.34
N ALA B 348 3.82 11.87 7.21
CA ALA B 348 2.60 12.20 7.98
C ALA B 348 2.95 13.23 9.04
N VAL B 349 3.94 12.95 9.88
CA VAL B 349 4.29 13.92 10.96
C VAL B 349 4.82 15.20 10.29
N GLU B 350 5.46 15.09 9.12
CA GLU B 350 6.06 16.31 8.51
C GLU B 350 4.97 17.15 7.83
N ALA B 351 3.91 16.53 7.31
CA ALA B 351 2.73 17.30 6.84
C ALA B 351 2.12 18.07 8.00
N ILE B 352 2.04 17.45 9.18
CA ILE B 352 1.50 18.16 10.36
C ILE B 352 2.40 19.37 10.71
N PHE B 353 3.70 19.19 10.72
CA PHE B 353 4.65 20.27 11.06
C PHE B 353 4.54 21.38 10.02
N SER B 354 4.27 21.03 8.77
CA SER B 354 4.12 22.01 7.65
C SER B 354 2.86 22.84 7.88
N VAL B 355 1.78 22.17 8.24
CA VAL B 355 0.50 22.85 8.60
C VAL B 355 0.73 23.76 9.80
N LEU B 356 1.45 23.32 10.83
CA LEU B 356 1.61 24.17 12.05
C LEU B 356 2.57 25.33 11.74
N ALA B 357 3.51 25.13 10.81
CA ALA B 357 4.39 26.22 10.37
C ALA B 357 3.51 27.35 9.80
N LEU B 358 2.47 26.98 9.06
CA LEU B 358 1.49 27.93 8.50
C LEU B 358 0.68 28.57 9.65
N ARG B 359 0.17 27.76 10.57
CA ARG B 359 -0.64 28.31 11.68
C ARG B 359 0.19 29.36 12.43
N ASP B 360 1.44 29.03 12.75
CA ASP B 360 2.23 29.78 13.76
C ASP B 360 3.20 30.75 13.08
N GLN B 361 3.27 30.76 11.74
CA GLN B 361 4.21 31.64 10.97
C GLN B 361 5.64 31.47 11.50
N VAL B 362 6.13 30.25 11.47
CA VAL B 362 7.49 29.95 11.98
C VAL B 362 8.01 28.74 11.21
N ALA B 363 9.23 28.88 10.68
CA ALA B 363 10.04 27.78 10.13
C ALA B 363 10.71 27.06 11.29
N PRO B 364 10.43 25.75 11.48
CA PRO B 364 11.20 24.96 12.43
C PRO B 364 12.66 24.87 12.05
N PRO B 365 13.56 24.66 13.03
CA PRO B 365 15.00 24.65 12.78
C PRO B 365 15.47 23.34 12.15
N THR B 366 16.60 23.39 11.47
CA THR B 366 17.43 22.20 11.24
C THR B 366 18.49 22.23 12.32
N ILE B 367 18.34 21.46 13.39
CA ILE B 367 19.38 21.44 14.45
C ILE B 367 20.61 20.67 13.94
N ASN B 368 21.74 20.85 14.61
CA ASN B 368 23.03 20.14 14.36
C ASN B 368 23.70 20.63 13.06
N LEU B 369 23.22 21.72 12.46
CA LEU B 369 23.76 22.18 11.15
C LEU B 369 24.91 23.14 11.47
N ASP B 370 26.01 22.56 11.93
CA ASP B 370 27.15 23.27 12.54
C ASP B 370 28.08 23.75 11.42
N ASN B 371 28.24 22.93 10.37
CA ASN B 371 29.15 23.16 9.22
C ASN B 371 28.47 22.69 7.94
N PRO B 372 27.64 23.55 7.33
CA PRO B 372 26.99 23.22 6.07
C PRO B 372 28.02 22.67 5.08
N ASP B 373 27.59 21.65 4.35
CA ASP B 373 28.46 20.98 3.37
C ASP B 373 28.61 21.89 2.16
N GLU B 374 29.52 21.51 1.27
CA GLU B 374 29.71 22.12 -0.07
C GLU B 374 28.36 22.36 -0.74
N GLY B 375 28.07 23.61 -1.09
CA GLY B 375 26.87 23.98 -1.87
C GLY B 375 25.59 23.96 -1.06
N CYS B 376 25.65 23.70 0.24
CA CYS B 376 24.46 23.70 1.13
C CYS B 376 24.27 25.12 1.68
N ASP B 377 24.04 26.10 0.82
CA ASP B 377 24.12 27.54 1.18
C ASP B 377 22.73 28.18 1.15
N LEU B 378 21.65 27.37 1.13
CA LEU B 378 20.26 27.88 1.19
C LEU B 378 19.95 28.32 2.62
N ASP B 379 18.78 28.90 2.84
CA ASP B 379 18.28 29.20 4.20
C ASP B 379 17.72 27.89 4.77
N LEU B 380 18.59 27.16 5.46
CA LEU B 380 18.26 25.82 6.05
C LEU B 380 17.86 25.96 7.50
N VAL B 381 17.56 27.19 7.94
CA VAL B 381 17.04 27.48 9.30
C VAL B 381 17.94 26.80 10.34
N ALA B 382 19.26 26.96 10.20
CA ALA B 382 20.22 26.32 11.13
C ALA B 382 19.92 26.71 12.59
N HIS B 383 19.87 25.67 13.45
CA HIS B 383 19.96 25.71 14.93
C HIS B 383 18.67 26.15 15.60
N GLU B 384 18.00 27.22 15.15
CA GLU B 384 16.87 27.85 15.88
C GLU B 384 15.71 28.15 14.94
N ALA B 385 14.48 28.07 15.48
CA ALA B 385 13.23 28.37 14.76
C ALA B 385 13.31 29.80 14.22
N LYS B 386 12.70 30.04 13.08
CA LYS B 386 12.71 31.38 12.44
C LYS B 386 11.28 31.81 12.19
N PRO B 387 10.71 32.72 13.00
CA PRO B 387 9.46 33.37 12.67
C PRO B 387 9.61 34.10 11.34
N ARG B 388 8.62 33.95 10.46
CA ARG B 388 8.65 34.55 9.10
C ARG B 388 7.26 34.42 8.51
N LYS B 389 7.04 35.13 7.42
CA LYS B 389 5.79 34.99 6.64
C LYS B 389 5.80 33.65 5.92
N ILE B 390 4.72 32.90 6.06
CA ILE B 390 4.55 31.60 5.35
C ILE B 390 3.12 31.52 4.92
N ASP B 391 2.88 31.69 3.62
CA ASP B 391 1.57 31.50 2.98
C ASP B 391 1.46 30.13 2.34
N VAL B 392 2.58 29.61 1.80
CA VAL B 392 2.61 28.32 1.05
C VAL B 392 3.79 27.51 1.60
N ALA B 393 3.52 26.26 2.01
CA ALA B 393 4.47 25.33 2.63
C ALA B 393 4.43 24.03 1.84
N LEU B 394 5.59 23.50 1.50
CA LEU B 394 5.73 22.20 0.81
C LEU B 394 6.27 21.19 1.82
N SER B 395 5.88 19.94 1.64
CA SER B 395 6.48 18.83 2.40
C SER B 395 6.87 17.77 1.39
N ASN B 396 8.14 17.40 1.37
CA ASN B 396 8.72 16.46 0.39
C ASN B 396 9.08 15.15 1.09
N SER B 397 8.88 14.04 0.39
CA SER B 397 9.36 12.70 0.81
C SER B 397 9.95 12.02 -0.41
N PHE B 398 11.10 11.36 -0.26
CA PHE B 398 11.81 10.60 -1.31
C PHE B 398 12.07 9.21 -0.70
N GLY B 399 11.78 8.13 -1.38
CA GLY B 399 11.91 6.80 -0.76
C GLY B 399 12.62 5.80 -1.63
N PHE B 400 12.89 4.62 -1.06
CA PHE B 400 13.41 3.46 -1.81
C PHE B 400 12.53 3.19 -3.01
N GLY B 401 13.18 2.80 -4.10
CA GLY B 401 12.55 2.59 -5.40
C GLY B 401 12.42 3.89 -6.17
N GLY B 402 13.01 4.95 -5.65
CA GLY B 402 12.99 6.29 -6.28
C GLY B 402 11.59 6.87 -6.30
N THR B 403 10.82 6.55 -5.28
CA THR B 403 9.42 7.02 -5.19
C THR B 403 9.39 8.39 -4.49
N ASN B 404 8.71 9.36 -5.09
CA ASN B 404 8.74 10.76 -4.61
C ASN B 404 7.30 11.21 -4.36
N GLY B 405 7.15 12.03 -3.35
CA GLY B 405 5.90 12.71 -3.07
C GLY B 405 6.17 14.12 -2.56
N THR B 406 5.28 15.02 -2.93
CA THR B 406 5.28 16.41 -2.48
C THR B 406 3.84 16.83 -2.20
N LEU B 407 3.60 17.40 -1.03
CA LEU B 407 2.34 18.05 -0.68
C LEU B 407 2.53 19.57 -0.62
N VAL B 408 1.54 20.30 -1.11
CA VAL B 408 1.55 21.79 -1.06
C VAL B 408 0.36 22.20 -0.20
N PHE B 409 0.65 22.91 0.90
CA PHE B 409 -0.37 23.46 1.82
C PHE B 409 -0.32 24.97 1.69
N ARG B 410 -1.48 25.58 1.85
CA ARG B 410 -1.68 27.05 1.80
C ARG B 410 -2.47 27.49 3.03
N ARG B 411 -2.14 28.66 3.60
CA ARG B 411 -2.98 29.33 4.62
C ARG B 411 -4.41 29.41 4.11
N PHE B 412 -5.38 29.16 4.98
CA PHE B 412 -6.82 29.29 4.68
C PHE B 412 -7.43 30.47 5.47
N ALA B 413 -8.17 31.36 4.80
CA ALA B 413 -8.80 32.55 5.42
C ALA B 413 -10.10 32.89 4.68
N1 NUA C . 11.41 -10.29 -20.22
N3 NUA C . 10.37 -9.45 -20.47
C4 NUA C . 9.75 -11.65 -20.78
C5 NUA C . 7.71 -12.86 -21.63
C6 NUA C . 7.33 -14.28 -22.04
C7 NUA C . 5.83 -14.62 -21.97
C8 NUA C . 6.16 -15.69 -20.90
C10 NUA C . 9.32 -10.25 -20.82
C1 NUA C . 12.71 -8.67 -18.87
C2 NUA C . 12.75 -9.81 -19.87
C3 NUA C . 11.07 -11.63 -20.38
C9 NUA C . 7.65 -15.33 -20.97
N2 NUA C . 9.04 -12.76 -21.19
O1 NUA C . 6.95 -11.90 -21.76
S DMS D . -11.89 4.36 -14.57
O DMS D . -11.76 5.42 -13.50
C1 DMS D . -13.27 3.36 -14.07
C2 DMS D . -12.66 5.15 -15.97
S DMS E . -33.20 -6.66 -10.89
O DMS E . -33.32 -7.84 -11.84
C1 DMS E . -31.85 -5.65 -11.52
C2 DMS E . -34.56 -5.58 -11.34
S DMS F . 19.75 -14.54 4.68
O DMS F . 20.34 -13.73 5.80
C1 DMS F . 20.35 -16.21 4.89
C2 DMS F . 20.68 -14.12 3.22
S DMS G . -10.18 6.04 21.59
O DMS G . -10.65 7.41 21.19
C1 DMS G . -10.90 5.71 23.21
C2 DMS G . -11.14 4.86 20.67
S DMS H . -25.69 7.34 14.04
O DMS H . -26.46 8.10 12.95
C1 DMS H . -25.51 8.49 15.41
C2 DMS H . -26.89 6.24 14.75
S DMS I . -6.45 17.91 -3.95
O DMS I . -6.54 17.19 -5.30
C1 DMS I . -4.75 18.39 -3.80
C2 DMS I . -7.08 19.55 -4.28
S DMS J . -0.35 -11.01 17.59
O DMS J . 0.84 -11.64 16.94
C1 DMS J . -0.35 -11.65 19.25
C2 DMS J . 0.07 -9.34 18.00
S DMS K . -6.29 15.17 21.29
O DMS K . -6.87 14.77 19.94
C1 DMS K . -4.53 14.92 21.18
C2 DMS K . -6.62 13.86 22.40
S DMS L . 1.86 -7.15 21.17
O DMS L . 1.79 -6.39 19.88
C1 DMS L . 2.11 -5.93 22.44
C2 DMS L . 3.46 -7.90 21.21
S DMS M . -17.63 10.09 16.51
O DMS M . -18.83 10.19 15.58
C1 DMS M . -18.06 8.86 17.74
C2 DMS M . -17.66 11.52 17.58
P PO4 N . -23.17 15.22 6.30
O1 PO4 N . -24.27 14.34 6.82
O2 PO4 N . -23.65 16.72 6.30
O3 PO4 N . -21.90 15.06 7.20
O4 PO4 N . -22.89 14.83 4.81
#